data_2Z20
#
_entry.id   2Z20
#
_cell.length_a   102.909
_cell.length_b   102.909
_cell.length_c   171.452
_cell.angle_alpha   90.00
_cell.angle_beta   90.00
_cell.angle_gamma   120.00
#
_symmetry.space_group_name_H-M   'P 32 2 1'
#
loop_
_entity.id
_entity.type
_entity.pdbx_description
1 polymer 'LL-diaminopimelate aminotransferase'
2 non-polymer 'SULFATE ION'
3 non-polymer "PYRIDOXAL-5'-PHOSPHATE"
4 non-polymer GLYCEROL
5 water water
#
_entity_poly.entity_id   1
_entity_poly.type   'polypeptide(L)'
_entity_poly.pdbx_seq_one_letter_code
;MAKRVNTCKCVATPQEKIEYKTKVSRNSN(MSE)SKLQAGYLFPEIARRRSAHLLKYPDAQVISLGIGDTTEPIPEVITS
A(MSE)AKKAHELSTIEGYSGYGAEQGAKPLRAAIAKTFYGGLGIGDDDVFVSDGAKCDISRLQV(MSE)FGSNVTIAVQ
DPSYPAYVDSSVI(MSE)GQTGQFNTDVQKYGNIEY(MSE)RCTPENGFFPDLSTVGRTDIIFFCSPNNPTGAAATREQL
TQLVEFAKKNGSIIVYDSAYA(MSE)Y(MSE)SDDNPRSIFEIPGAEEVA(MSE)ETASFSKYAGFTGVRLGWTVIPKKL
LYSDGFPVAKDFNRIICTCFNGASNISQAGALACLTPEGLEA(MSE)HKVIGFYKENTNIIIDTFTSLGYDVYGGKNAPY
VWVHFPNQSSWDVFAEILEKTHVVTTPGSGFGPGGEGFVRVSAFGHRENILEACRRFKQLYKHHHHHH
;
_entity_poly.pdbx_strand_id   A,B
#
loop_
_chem_comp.id
_chem_comp.type
_chem_comp.name
_chem_comp.formula
GOL non-polymer GLYCEROL 'C3 H8 O3'
PLP non-polymer PYRIDOXAL-5'-PHOSPHATE 'C8 H10 N O6 P'
SO4 non-polymer 'SULFATE ION' 'O4 S -2'
#
# COMPACT_ATOMS: atom_id res chain seq x y z
N GLU A 19 -0.45 14.41 31.82
CA GLU A 19 0.14 13.85 30.58
C GLU A 19 0.28 14.93 29.49
N TYR A 20 1.37 14.87 28.74
CA TYR A 20 1.62 15.81 27.66
C TYR A 20 0.72 15.46 26.46
N LYS A 21 0.16 16.48 25.81
CA LYS A 21 -0.57 16.27 24.56
C LYS A 21 -0.01 17.24 23.54
N THR A 22 0.05 16.84 22.26
CA THR A 22 0.48 17.78 21.22
C THR A 22 -0.63 18.81 20.99
N LYS A 23 -0.36 19.81 20.18
CA LYS A 23 -1.40 20.74 19.77
C LYS A 23 -1.95 20.40 18.39
N VAL A 24 -1.78 19.16 17.95
CA VAL A 24 -2.39 18.87 16.66
C VAL A 24 -3.76 18.25 16.80
N SER A 25 -4.68 18.74 15.98
CA SER A 25 -6.04 18.28 16.02
C SER A 25 -6.12 16.90 15.37
N ARG A 26 -6.84 15.99 16.01
CA ARG A 26 -7.18 14.72 15.37
C ARG A 26 -7.93 14.97 14.05
N ASN A 27 -7.61 14.17 13.04
CA ASN A 27 -8.28 14.29 11.75
C ASN A 27 -9.80 14.10 11.97
N SER A 28 -10.59 15.13 11.70
CA SER A 28 -12.06 15.05 11.88
C SER A 28 -12.74 13.94 11.08
N ASN A 29 -12.11 13.49 10.00
CA ASN A 29 -12.64 12.32 9.28
C ASN A 29 -12.52 11.02 10.04
N MSE A 30 -11.42 10.86 10.82
CA MSE A 30 -11.23 9.67 11.66
C MSE A 30 -12.29 9.62 12.75
O MSE A 30 -12.84 8.57 13.06
CB MSE A 30 -9.82 9.60 12.30
CG MSE A 30 -8.64 9.64 11.33
SE MSE A 30 -8.72 8.17 10.02
CE MSE A 30 -8.84 6.63 11.24
N SER A 31 -12.57 10.78 13.34
CA SER A 31 -13.63 10.92 14.32
C SER A 31 -15.01 10.55 13.81
N LYS A 32 -15.27 10.64 12.49
CA LYS A 32 -16.59 10.31 11.94
C LYS A 32 -16.92 8.84 12.00
N LEU A 33 -15.89 8.01 11.95
CA LEU A 33 -16.03 6.56 11.95
C LEU A 33 -16.74 5.99 13.18
N GLN A 34 -17.65 5.05 12.94
CA GLN A 34 -18.47 4.48 14.01
C GLN A 34 -17.78 3.53 14.99
N ALA A 35 -17.03 2.57 14.48
CA ALA A 35 -16.25 1.70 15.37
C ALA A 35 -14.98 1.32 14.64
N GLY A 36 -14.41 0.18 15.05
CA GLY A 36 -13.34 -0.40 14.29
C GLY A 36 -13.91 -1.00 13.02
N TYR A 37 -13.00 -1.27 12.09
CA TYR A 37 -13.28 -2.08 10.92
C TYR A 37 -13.95 -3.38 11.37
N LEU A 38 -14.93 -3.82 10.59
CA LEU A 38 -15.80 -4.95 10.93
C LEU A 38 -15.03 -6.18 11.40
N PHE A 39 -14.00 -6.52 10.63
CA PHE A 39 -13.34 -7.83 10.77
C PHE A 39 -12.48 -7.92 12.04
N PRO A 40 -11.74 -6.84 12.35
CA PRO A 40 -11.25 -6.70 13.74
C PRO A 40 -12.33 -6.84 14.85
N GLU A 41 -13.53 -6.23 14.71
CA GLU A 41 -14.61 -6.40 15.74
C GLU A 41 -15.12 -7.85 15.90
N ILE A 42 -15.24 -8.56 14.77
CA ILE A 42 -15.49 -10.00 14.81
C ILE A 42 -14.40 -10.77 15.59
N ALA A 43 -13.14 -10.47 15.27
CA ALA A 43 -11.98 -11.07 15.96
C ALA A 43 -12.08 -10.92 17.48
N ARG A 44 -12.49 -9.73 17.93
CA ARG A 44 -12.76 -9.44 19.33
C ARG A 44 -13.80 -10.38 19.95
N ARG A 45 -14.96 -10.48 19.31
CA ARG A 45 -16.03 -11.36 19.79
C ARG A 45 -15.62 -12.83 19.79
N ARG A 46 -14.81 -13.22 18.81
CA ARG A 46 -14.30 -14.56 18.78
C ARG A 46 -13.32 -14.82 19.96
N SER A 47 -12.46 -13.86 20.26
CA SER A 47 -11.59 -13.96 21.44
C SER A 47 -12.38 -14.06 22.76
N ALA A 48 -13.35 -13.17 22.93
CA ALA A 48 -14.27 -13.20 24.07
C ALA A 48 -15.02 -14.53 24.20
N HIS A 49 -15.45 -15.11 23.07
CA HIS A 49 -16.04 -16.46 23.04
C HIS A 49 -15.08 -17.55 23.53
N LEU A 50 -13.80 -17.40 23.17
CA LEU A 50 -12.83 -18.41 23.55
C LEU A 50 -12.42 -18.31 25.03
N LEU A 51 -12.54 -17.13 25.62
CA LEU A 51 -12.43 -16.95 27.08
C LEU A 51 -13.59 -17.61 27.82
N LYS A 52 -14.76 -17.63 27.19
CA LYS A 52 -15.95 -18.24 27.78
C LYS A 52 -15.93 -19.75 27.64
N TYR A 53 -15.47 -20.22 26.48
CA TYR A 53 -15.37 -21.64 26.17
C TYR A 53 -13.92 -21.95 25.74
N PRO A 54 -13.03 -22.17 26.73
CA PRO A 54 -11.62 -22.41 26.38
C PRO A 54 -11.33 -23.66 25.57
N ASP A 55 -12.21 -24.67 25.65
CA ASP A 55 -12.03 -25.92 24.94
C ASP A 55 -12.89 -26.07 23.68
N ALA A 56 -13.45 -24.97 23.20
CA ALA A 56 -14.31 -24.99 22.02
C ALA A 56 -13.45 -25.19 20.79
N GLN A 57 -13.91 -26.04 19.88
CA GLN A 57 -13.29 -26.18 18.55
C GLN A 57 -13.96 -25.21 17.58
N VAL A 58 -13.42 -23.99 17.52
CA VAL A 58 -14.00 -22.91 16.68
C VAL A 58 -13.67 -23.13 15.19
N ILE A 59 -14.69 -23.02 14.34
CA ILE A 59 -14.54 -23.07 12.88
C ILE A 59 -14.89 -21.66 12.33
N SER A 60 -13.93 -21.03 11.63
CA SER A 60 -14.13 -19.68 11.08
C SER A 60 -14.64 -19.72 9.65
N LEU A 61 -15.90 -19.32 9.48
CA LEU A 61 -16.47 -19.07 8.19
C LEU A 61 -16.85 -17.60 8.11
N GLY A 62 -16.04 -16.75 8.75
CA GLY A 62 -16.25 -15.30 8.79
C GLY A 62 -15.54 -14.64 7.61
N ILE A 63 -14.56 -13.80 7.90
CA ILE A 63 -13.68 -13.26 6.85
C ILE A 63 -13.37 -14.35 5.82
N GLY A 64 -13.43 -13.97 4.55
CA GLY A 64 -13.21 -14.89 3.42
C GLY A 64 -11.75 -15.25 3.20
N ASP A 65 -11.13 -15.90 4.19
CA ASP A 65 -9.71 -16.22 4.06
C ASP A 65 -9.55 -17.66 3.54
N THR A 66 -8.71 -17.80 2.53
CA THR A 66 -8.39 -19.11 1.96
C THR A 66 -7.63 -20.00 2.94
N THR A 67 -7.87 -21.31 2.81
CA THR A 67 -7.38 -22.25 3.81
C THR A 67 -6.50 -23.34 3.22
N GLU A 68 -6.59 -23.57 1.90
CA GLU A 68 -5.83 -24.67 1.27
C GLU A 68 -4.44 -24.19 0.80
N PRO A 69 -3.45 -25.11 0.75
CA PRO A 69 -2.12 -24.70 0.27
C PRO A 69 -2.11 -24.06 -1.14
N ILE A 70 -1.20 -23.11 -1.35
CA ILE A 70 -0.98 -22.55 -2.70
C ILE A 70 -0.42 -23.68 -3.53
N PRO A 71 -0.93 -23.84 -4.79
CA PRO A 71 -0.39 -24.87 -5.66
C PRO A 71 1.13 -24.81 -5.79
N GLU A 72 1.77 -25.98 -5.83
CA GLU A 72 3.22 -26.12 -5.95
C GLU A 72 3.80 -25.38 -7.17
N VAL A 73 3.07 -25.40 -8.28
CA VAL A 73 3.55 -24.70 -9.49
C VAL A 73 3.77 -23.22 -9.16
N ILE A 74 2.92 -22.64 -8.32
CA ILE A 74 3.03 -21.24 -7.97
C ILE A 74 4.12 -20.99 -6.91
N THR A 75 4.11 -21.75 -5.82
CA THR A 75 5.14 -21.52 -4.80
C THR A 75 6.55 -21.87 -5.28
N SER A 76 6.68 -22.83 -6.20
CA SER A 76 7.99 -23.14 -6.78
C SER A 76 8.55 -21.95 -7.51
N ALA A 77 7.71 -21.22 -8.25
CA ALA A 77 8.15 -20.03 -8.96
C ALA A 77 8.61 -18.94 -7.98
N MSE A 78 7.91 -18.83 -6.87
CA MSE A 78 8.27 -17.80 -5.89
C MSE A 78 9.58 -18.13 -5.20
O MSE A 78 10.42 -17.26 -5.02
CB MSE A 78 7.12 -17.62 -4.91
CG MSE A 78 5.86 -17.09 -5.58
SE MSE A 78 4.56 -16.31 -4.34
CE MSE A 78 3.93 -17.96 -3.63
N ALA A 79 9.77 -19.40 -4.82
CA ALA A 79 11.04 -19.85 -4.23
C ALA A 79 12.19 -19.65 -5.20
N LYS A 80 11.95 -19.99 -6.49
CA LYS A 80 12.98 -19.83 -7.51
C LYS A 80 13.40 -18.37 -7.65
N LYS A 81 12.40 -17.48 -7.64
CA LYS A 81 12.67 -16.05 -7.69
C LYS A 81 13.47 -15.62 -6.45
N ALA A 82 13.09 -16.13 -5.27
CA ALA A 82 13.80 -15.78 -4.04
C ALA A 82 15.27 -16.16 -4.17
N HIS A 83 15.55 -17.39 -4.58
CA HIS A 83 16.95 -17.85 -4.76
C HIS A 83 17.74 -17.01 -5.76
N GLU A 84 17.09 -16.65 -6.88
CA GLU A 84 17.66 -15.75 -7.88
C GLU A 84 18.09 -14.40 -7.35
N LEU A 85 17.37 -13.89 -6.35
CA LEU A 85 17.77 -12.63 -5.72
C LEU A 85 19.14 -12.72 -5.03
N SER A 86 19.69 -13.92 -4.83
CA SER A 86 21.04 -14.02 -4.18
C SER A 86 22.17 -14.29 -5.20
N THR A 87 21.84 -14.18 -6.48
CA THR A 87 22.82 -14.33 -7.57
C THR A 87 22.98 -13.01 -8.29
N ILE A 88 24.18 -12.76 -8.83
CA ILE A 88 24.46 -11.50 -9.55
C ILE A 88 23.50 -11.32 -10.72
N GLU A 89 23.40 -12.40 -11.49
CA GLU A 89 22.58 -12.48 -12.69
C GLU A 89 21.05 -12.36 -12.43
N GLY A 90 20.58 -12.87 -11.29
CA GLY A 90 19.14 -12.85 -10.99
C GLY A 90 18.66 -11.76 -10.03
N TYR A 91 19.59 -11.05 -9.37
CA TYR A 91 19.17 -9.99 -8.46
C TYR A 91 18.46 -8.86 -9.20
N SER A 92 17.38 -8.36 -8.59
CA SER A 92 16.69 -7.15 -9.05
C SER A 92 16.25 -6.24 -7.89
N GLY A 93 16.42 -4.94 -8.10
CA GLY A 93 16.00 -3.94 -7.12
C GLY A 93 14.57 -3.48 -7.31
N TYR A 94 14.38 -2.16 -7.36
CA TYR A 94 13.08 -1.58 -7.65
C TYR A 94 12.56 -2.11 -8.99
N GLY A 95 11.29 -2.50 -9.03
CA GLY A 95 10.63 -2.74 -10.32
C GLY A 95 9.95 -1.44 -10.71
N ALA A 96 9.47 -1.35 -11.95
CA ALA A 96 8.49 -0.31 -12.34
C ALA A 96 7.34 -0.40 -11.35
N GLU A 97 6.90 0.74 -10.79
CA GLU A 97 5.82 0.75 -9.75
C GLU A 97 4.46 0.32 -10.32
N GLN A 98 4.27 0.40 -11.66
CA GLN A 98 3.09 -0.18 -12.36
C GLN A 98 3.18 -1.71 -12.47
N GLY A 99 4.34 -2.29 -12.19
CA GLY A 99 4.55 -3.75 -12.32
C GLY A 99 5.38 -4.20 -13.52
N ALA A 100 5.97 -5.41 -13.41
CA ALA A 100 6.83 -5.98 -14.45
C ALA A 100 6.05 -5.99 -15.77
N LYS A 101 6.69 -5.57 -16.86
CA LYS A 101 6.02 -5.61 -18.18
C LYS A 101 5.44 -6.99 -18.55
N PRO A 102 6.20 -8.08 -18.41
CA PRO A 102 5.60 -9.39 -18.73
C PRO A 102 4.35 -9.75 -17.89
N LEU A 103 4.27 -9.21 -16.68
CA LEU A 103 3.09 -9.49 -15.82
C LEU A 103 1.90 -8.66 -16.28
N ARG A 104 2.16 -7.39 -16.59
CA ARG A 104 1.11 -6.56 -17.13
C ARG A 104 0.57 -7.14 -18.41
N ALA A 105 1.48 -7.59 -19.27
CA ALA A 105 1.09 -8.23 -20.55
C ALA A 105 0.24 -9.47 -20.36
N ALA A 106 0.67 -10.33 -19.44
CA ALA A 106 -0.05 -11.55 -19.11
C ALA A 106 -1.46 -11.28 -18.54
N ILE A 107 -1.57 -10.32 -17.63
CA ILE A 107 -2.88 -9.91 -17.13
C ILE A 107 -3.78 -9.37 -18.23
N ALA A 108 -3.24 -8.45 -19.02
CA ALA A 108 -4.01 -7.86 -20.11
C ALA A 108 -4.58 -8.94 -21.08
N LYS A 109 -3.72 -9.91 -21.44
CA LYS A 109 -4.04 -11.00 -22.40
C LYS A 109 -5.05 -11.94 -21.78
N THR A 110 -4.74 -12.37 -20.55
CA THR A 110 -5.42 -13.50 -19.96
C THR A 110 -6.83 -13.11 -19.55
N PHE A 111 -7.00 -11.92 -18.98
CA PHE A 111 -8.30 -11.54 -18.44
C PHE A 111 -9.04 -10.55 -19.32
N TYR A 112 -8.35 -9.90 -20.27
CA TYR A 112 -8.94 -8.81 -21.03
C TYR A 112 -8.63 -8.93 -22.52
N GLY A 113 -8.22 -10.12 -22.96
CA GLY A 113 -7.94 -10.28 -24.38
C GLY A 113 -9.22 -10.09 -25.18
N GLY A 114 -9.17 -9.25 -26.22
CA GLY A 114 -10.38 -8.98 -27.04
C GLY A 114 -11.17 -7.76 -26.55
N LEU A 115 -10.80 -7.21 -25.41
CA LEU A 115 -11.59 -6.13 -24.81
C LEU A 115 -10.89 -4.79 -24.92
N GLY A 116 -9.80 -4.74 -25.69
CA GLY A 116 -9.15 -3.47 -25.98
C GLY A 116 -8.32 -2.88 -24.87
N ILE A 117 -7.81 -3.73 -23.98
CA ILE A 117 -6.96 -3.31 -22.88
C ILE A 117 -5.49 -3.56 -23.24
N GLY A 118 -4.66 -2.52 -23.12
CA GLY A 118 -3.24 -2.63 -23.44
C GLY A 118 -2.50 -2.89 -22.16
N ASP A 119 -1.27 -3.36 -22.28
CA ASP A 119 -0.46 -3.68 -21.10
C ASP A 119 -0.24 -2.44 -20.23
N ASP A 120 -0.19 -1.29 -20.88
CA ASP A 120 0.06 -0.04 -20.18
C ASP A 120 -1.17 0.47 -19.44
N ASP A 121 -2.33 -0.18 -19.65
CA ASP A 121 -3.54 0.13 -18.92
C ASP A 121 -3.62 -0.63 -17.58
N VAL A 122 -2.70 -1.57 -17.36
CA VAL A 122 -2.75 -2.42 -16.18
C VAL A 122 -1.77 -1.89 -15.13
N PHE A 123 -2.22 -1.79 -13.88
CA PHE A 123 -1.39 -1.32 -12.77
C PHE A 123 -1.36 -2.43 -11.73
N VAL A 124 -0.19 -3.03 -11.50
CA VAL A 124 -0.06 -4.16 -10.56
C VAL A 124 0.12 -3.62 -9.13
N SER A 125 -0.65 -4.13 -8.17
CA SER A 125 -0.59 -3.67 -6.78
C SER A 125 -0.33 -4.82 -5.82
N ASP A 126 -0.29 -4.51 -4.52
CA ASP A 126 -0.19 -5.50 -3.45
C ASP A 126 -1.53 -5.97 -2.91
N GLY A 127 -2.60 -5.69 -3.63
CA GLY A 127 -3.94 -6.15 -3.20
C GLY A 127 -5.03 -5.15 -3.50
N ALA A 128 -6.25 -5.66 -3.66
CA ALA A 128 -7.36 -4.83 -4.14
C ALA A 128 -7.76 -3.85 -3.03
N LYS A 129 -7.66 -4.32 -1.80
CA LYS A 129 -7.97 -3.50 -0.64
C LYS A 129 -7.15 -2.20 -0.63
N CYS A 130 -5.85 -2.34 -0.86
CA CYS A 130 -4.96 -1.19 -0.93
C CYS A 130 -5.21 -0.31 -2.19
N ASP A 131 -5.52 -0.95 -3.32
CA ASP A 131 -5.91 -0.19 -4.50
C ASP A 131 -7.13 0.69 -4.27
N ILE A 132 -8.13 0.17 -3.55
CA ILE A 132 -9.34 0.97 -3.22
C ILE A 132 -8.91 2.27 -2.54
N SER A 133 -8.04 2.17 -1.55
CA SER A 133 -7.61 3.37 -0.84
C SER A 133 -6.72 4.33 -1.67
N ARG A 134 -5.82 3.79 -2.50
CA ARG A 134 -5.07 4.63 -3.42
C ARG A 134 -5.97 5.32 -4.45
N LEU A 135 -6.93 4.60 -5.03
CA LEU A 135 -7.93 5.26 -5.92
C LEU A 135 -8.67 6.37 -5.18
N GLN A 136 -8.96 6.13 -3.91
CA GLN A 136 -9.68 7.14 -3.11
C GLN A 136 -8.81 8.35 -2.81
N VAL A 137 -7.52 8.13 -2.55
CA VAL A 137 -6.61 9.28 -2.49
C VAL A 137 -6.61 10.09 -3.80
N MSE A 138 -6.59 9.38 -4.92
CA MSE A 138 -6.61 10.03 -6.20
C MSE A 138 -7.90 10.79 -6.42
O MSE A 138 -7.83 11.93 -6.84
CB MSE A 138 -6.44 9.01 -7.34
CG MSE A 138 -6.47 9.71 -8.70
SE MSE A 138 -6.63 8.35 -10.05
CE MSE A 138 -8.53 7.80 -9.78
N PHE A 139 -9.07 10.18 -6.16
CA PHE A 139 -10.35 10.88 -6.38
C PHE A 139 -10.47 12.13 -5.52
N GLY A 140 -10.04 12.01 -4.26
CA GLY A 140 -9.98 13.16 -3.32
C GLY A 140 -11.23 13.36 -2.48
N SER A 141 -11.22 14.41 -1.66
CA SER A 141 -12.27 14.62 -0.67
C SER A 141 -13.56 15.15 -1.30
N ASN A 142 -13.50 15.64 -2.53
CA ASN A 142 -14.65 16.36 -3.11
C ASN A 142 -15.58 15.52 -4.00
N VAL A 143 -15.31 14.23 -4.17
CA VAL A 143 -16.25 13.42 -4.96
C VAL A 143 -17.37 12.86 -4.08
N THR A 144 -18.51 12.51 -4.69
CA THR A 144 -19.54 11.76 -3.97
C THR A 144 -19.52 10.35 -4.52
N ILE A 145 -19.86 9.39 -3.67
CA ILE A 145 -19.83 8.02 -4.08
C ILE A 145 -21.18 7.34 -3.91
N ALA A 146 -21.39 6.31 -4.73
CA ALA A 146 -22.51 5.40 -4.57
C ALA A 146 -21.90 4.02 -4.36
N VAL A 147 -22.56 3.22 -3.51
CA VAL A 147 -22.13 1.84 -3.27
C VAL A 147 -23.38 0.99 -3.33
N GLN A 148 -23.21 -0.29 -3.67
CA GLN A 148 -24.24 -1.27 -3.43
C GLN A 148 -24.47 -1.37 -1.93
N ASP A 149 -25.71 -1.68 -1.56
CA ASP A 149 -26.10 -1.76 -0.18
C ASP A 149 -26.88 -3.07 -0.03
N PRO A 150 -26.20 -4.15 0.42
CA PRO A 150 -24.87 -4.23 1.06
C PRO A 150 -23.66 -4.28 0.11
N SER A 151 -22.49 -3.94 0.66
CA SER A 151 -21.23 -4.09 -0.04
C SER A 151 -20.08 -4.20 0.95
N TYR A 152 -18.97 -4.75 0.45
CA TYR A 152 -17.71 -4.79 1.20
C TYR A 152 -17.43 -3.43 1.93
N PRO A 153 -17.25 -3.44 3.27
CA PRO A 153 -17.23 -2.18 4.04
C PRO A 153 -16.10 -1.19 3.75
N ALA A 154 -15.00 -1.64 3.16
CA ALA A 154 -13.88 -0.74 2.79
C ALA A 154 -14.27 0.41 1.86
N TYR A 155 -15.24 0.23 0.94
CA TYR A 155 -15.64 1.35 0.03
C TYR A 155 -16.17 2.54 0.85
N VAL A 156 -17.16 2.25 1.70
CA VAL A 156 -17.73 3.25 2.60
C VAL A 156 -16.66 3.79 3.56
N ASP A 157 -15.94 2.90 4.24
CA ASP A 157 -14.92 3.37 5.21
C ASP A 157 -13.83 4.24 4.61
N SER A 158 -13.36 3.90 3.42
CA SER A 158 -12.36 4.72 2.73
C SER A 158 -12.94 6.09 2.37
N SER A 159 -14.22 6.13 1.99
CA SER A 159 -14.91 7.39 1.66
C SER A 159 -14.94 8.32 2.87
N VAL A 160 -15.28 7.77 4.02
CA VAL A 160 -15.40 8.56 5.26
C VAL A 160 -14.01 9.13 5.60
N ILE A 161 -13.02 8.24 5.59
CA ILE A 161 -11.61 8.63 5.86
C ILE A 161 -11.12 9.76 4.94
N MSE A 162 -11.47 9.72 3.65
CA MSE A 162 -11.06 10.76 2.72
C MSE A 162 -11.88 12.03 2.80
O MSE A 162 -11.55 13.02 2.16
CB MSE A 162 -11.09 10.25 1.27
CG MSE A 162 -9.96 9.34 0.91
SE MSE A 162 -8.25 10.19 1.24
CE MSE A 162 -8.36 11.77 0.11
N GLY A 163 -12.94 12.03 3.60
CA GLY A 163 -13.66 13.27 3.79
C GLY A 163 -14.79 13.46 2.79
N GLN A 164 -15.21 12.37 2.14
CA GLN A 164 -16.26 12.42 1.13
C GLN A 164 -17.68 12.39 1.70
N THR A 165 -17.82 12.24 3.01
CA THR A 165 -19.13 11.99 3.60
C THR A 165 -19.45 13.03 4.68
N GLY A 166 -20.69 12.97 5.15
CA GLY A 166 -21.10 13.64 6.39
C GLY A 166 -20.98 12.68 7.57
N GLN A 167 -21.69 13.03 8.64
CA GLN A 167 -21.67 12.20 9.85
C GLN A 167 -22.53 10.96 9.68
N PHE A 168 -22.30 9.97 10.53
CA PHE A 168 -23.13 8.79 10.56
C PHE A 168 -24.46 9.14 11.20
N ASN A 169 -25.55 8.76 10.54
CA ASN A 169 -26.92 8.92 11.05
C ASN A 169 -27.33 7.58 11.62
N THR A 170 -27.56 7.52 12.93
CA THR A 170 -27.87 6.26 13.61
C THR A 170 -29.29 5.78 13.36
N ASP A 171 -30.17 6.67 12.93
CA ASP A 171 -31.55 6.31 12.63
C ASP A 171 -31.70 5.51 11.36
N VAL A 172 -30.87 5.84 10.35
CA VAL A 172 -30.87 5.08 9.09
C VAL A 172 -29.64 4.19 8.93
N GLN A 173 -28.69 4.29 9.87
CA GLN A 173 -27.42 3.55 9.82
C GLN A 173 -26.60 3.84 8.54
N LYS A 174 -26.54 5.12 8.16
CA LYS A 174 -25.83 5.54 6.98
C LYS A 174 -24.97 6.79 7.22
N TYR A 175 -23.83 6.88 6.52
CA TYR A 175 -23.07 8.12 6.53
C TYR A 175 -23.70 9.02 5.54
N GLY A 176 -23.87 10.28 5.91
CA GLY A 176 -24.46 11.27 5.01
C GLY A 176 -23.66 11.41 3.71
N ASN A 177 -24.34 11.79 2.63
CA ASN A 177 -23.70 12.09 1.35
C ASN A 177 -23.20 10.87 0.56
N ILE A 178 -23.41 9.65 1.08
CA ILE A 178 -23.18 8.42 0.28
C ILE A 178 -24.53 7.95 -0.29
N GLU A 179 -24.54 7.58 -1.57
CA GLU A 179 -25.73 6.99 -2.20
C GLU A 179 -25.69 5.48 -2.03
N TYR A 180 -26.51 4.95 -1.11
CA TYR A 180 -26.58 3.54 -0.84
C TYR A 180 -27.65 2.92 -1.73
N MSE A 181 -27.22 2.11 -2.71
CA MSE A 181 -28.12 1.57 -3.74
C MSE A 181 -28.56 0.22 -3.27
O MSE A 181 -27.77 -0.74 -3.28
CB MSE A 181 -27.37 1.39 -5.07
CG MSE A 181 -26.68 2.68 -5.57
SE MSE A 181 -25.80 2.37 -7.30
CE MSE A 181 -24.39 1.08 -6.76
N ARG A 182 -29.80 0.12 -2.86
CA ARG A 182 -30.26 -1.08 -2.16
C ARG A 182 -30.52 -2.26 -3.11
N CYS A 183 -30.00 -3.41 -2.68
CA CYS A 183 -29.93 -4.65 -3.40
C CYS A 183 -30.62 -5.70 -2.53
N THR A 184 -31.79 -6.18 -2.98
CA THR A 184 -32.70 -6.97 -2.11
C THR A 184 -33.23 -8.20 -2.86
N PRO A 185 -33.77 -9.20 -2.16
CA PRO A 185 -34.45 -10.28 -2.90
C PRO A 185 -35.45 -9.73 -3.92
N GLU A 186 -36.16 -8.65 -3.56
CA GLU A 186 -37.24 -8.10 -4.38
C GLU A 186 -36.78 -7.39 -5.66
N ASN A 187 -35.51 -7.00 -5.74
CA ASN A 187 -34.98 -6.48 -7.01
C ASN A 187 -33.86 -7.35 -7.61
N GLY A 188 -33.75 -8.58 -7.15
CA GLY A 188 -32.75 -9.51 -7.70
C GLY A 188 -31.32 -9.07 -7.36
N PHE A 189 -31.17 -8.36 -6.26
CA PHE A 189 -29.87 -7.87 -5.78
C PHE A 189 -29.13 -6.95 -6.77
N PHE A 190 -29.86 -6.28 -7.65
CA PHE A 190 -29.27 -5.29 -8.57
C PHE A 190 -30.07 -4.02 -8.29
N PRO A 191 -29.42 -2.87 -8.18
CA PRO A 191 -30.16 -1.65 -7.82
C PRO A 191 -31.26 -1.27 -8.81
N ASP A 192 -32.30 -0.59 -8.34
CA ASP A 192 -33.25 -0.01 -9.30
C ASP A 192 -32.68 1.35 -9.69
N LEU A 193 -31.98 1.39 -10.82
CA LEU A 193 -31.21 2.58 -11.18
C LEU A 193 -32.07 3.83 -11.37
N SER A 194 -33.37 3.67 -11.68
CA SER A 194 -34.25 4.84 -11.87
C SER A 194 -34.47 5.58 -10.55
N THR A 195 -34.14 4.91 -9.44
CA THR A 195 -34.26 5.50 -8.09
C THR A 195 -32.95 5.95 -7.46
N VAL A 196 -31.87 5.86 -8.23
CA VAL A 196 -30.51 6.15 -7.71
C VAL A 196 -30.07 7.54 -8.14
N GLY A 197 -29.68 8.34 -7.17
CA GLY A 197 -29.24 9.72 -7.37
C GLY A 197 -27.87 9.78 -8.00
N ARG A 198 -27.56 10.88 -8.67
CA ARG A 198 -26.28 10.98 -9.36
C ARG A 198 -25.15 11.11 -8.34
N THR A 199 -24.06 10.41 -8.58
CA THR A 199 -22.83 10.62 -7.80
C THR A 199 -21.67 10.71 -8.76
N ASP A 200 -20.49 11.06 -8.26
CA ASP A 200 -19.30 11.03 -9.13
C ASP A 200 -18.81 9.62 -9.37
N ILE A 201 -18.77 8.84 -8.30
CA ILE A 201 -18.20 7.49 -8.36
C ILE A 201 -19.27 6.45 -8.05
N ILE A 202 -19.22 5.32 -8.73
CA ILE A 202 -20.09 4.23 -8.41
C ILE A 202 -19.22 3.02 -8.15
N PHE A 203 -19.11 2.57 -6.90
CA PHE A 203 -18.40 1.33 -6.63
C PHE A 203 -19.34 0.17 -6.87
N PHE A 204 -18.91 -0.76 -7.73
CA PHE A 204 -19.81 -1.86 -8.11
C PHE A 204 -19.03 -3.18 -8.18
N CYS A 205 -19.47 -4.13 -7.38
CA CYS A 205 -18.77 -5.40 -7.20
C CYS A 205 -19.63 -6.53 -7.81
N SER A 206 -19.03 -7.35 -8.67
CA SER A 206 -19.74 -8.50 -9.30
C SER A 206 -18.73 -9.59 -9.61
N PRO A 207 -18.95 -10.83 -9.10
CA PRO A 207 -19.99 -11.20 -8.13
C PRO A 207 -19.91 -10.34 -6.87
N ASN A 208 -21.06 -9.92 -6.34
CA ASN A 208 -21.05 -9.02 -5.18
C ASN A 208 -20.66 -9.79 -3.92
N ASN A 209 -19.88 -9.13 -3.08
CA ASN A 209 -19.62 -9.51 -1.69
C ASN A 209 -20.42 -8.49 -0.86
N PRO A 210 -21.39 -8.95 -0.03
CA PRO A 210 -21.68 -10.33 0.43
C PRO A 210 -22.76 -11.18 -0.22
N THR A 211 -23.56 -10.61 -1.13
CA THR A 211 -24.80 -11.29 -1.61
C THR A 211 -24.51 -12.43 -2.58
N GLY A 212 -23.33 -12.44 -3.17
CA GLY A 212 -22.99 -13.43 -4.19
C GLY A 212 -23.57 -13.13 -5.57
N ALA A 213 -24.38 -12.05 -5.69
CA ALA A 213 -25.09 -11.76 -6.96
C ALA A 213 -24.12 -11.31 -8.07
N ALA A 214 -24.19 -11.99 -9.21
CA ALA A 214 -23.44 -11.56 -10.40
C ALA A 214 -24.41 -10.88 -11.36
N ALA A 215 -24.10 -9.64 -11.72
CA ALA A 215 -24.89 -8.88 -12.65
C ALA A 215 -24.90 -9.53 -14.05
N THR A 216 -26.04 -9.47 -14.74
CA THR A 216 -26.14 -10.00 -16.09
C THR A 216 -25.57 -8.99 -17.06
N ARG A 217 -25.40 -9.40 -18.32
CA ARG A 217 -24.99 -8.48 -19.37
C ARG A 217 -25.98 -7.35 -19.55
N GLU A 218 -27.26 -7.69 -19.42
CA GLU A 218 -28.31 -6.68 -19.52
C GLU A 218 -28.20 -5.67 -18.37
N GLN A 219 -27.99 -6.15 -17.15
CA GLN A 219 -27.81 -5.25 -16.00
C GLN A 219 -26.56 -4.35 -16.09
N LEU A 220 -25.46 -4.93 -16.53
CA LEU A 220 -24.21 -4.15 -16.67
C LEU A 220 -24.33 -3.14 -17.79
N THR A 221 -25.08 -3.51 -18.84
CA THR A 221 -25.38 -2.57 -19.91
C THR A 221 -26.14 -1.34 -19.34
N GLN A 222 -27.19 -1.59 -18.56
CA GLN A 222 -27.91 -0.51 -17.88
C GLN A 222 -26.99 0.32 -16.97
N LEU A 223 -26.13 -0.36 -16.21
CA LEU A 223 -25.14 0.33 -15.38
C LEU A 223 -24.22 1.30 -16.17
N VAL A 224 -23.62 0.81 -17.25
CA VAL A 224 -22.81 1.67 -18.12
C VAL A 224 -23.65 2.83 -18.68
N GLU A 225 -24.86 2.53 -19.13
CA GLU A 225 -25.75 3.57 -19.70
C GLU A 225 -26.03 4.63 -18.65
N PHE A 226 -26.33 4.19 -17.45
CA PHE A 226 -26.52 5.08 -16.29
C PHE A 226 -25.30 5.98 -16.00
N ALA A 227 -24.12 5.37 -15.90
CA ALA A 227 -22.85 6.10 -15.69
C ALA A 227 -22.61 7.11 -16.78
N LYS A 228 -22.82 6.69 -18.03
CA LYS A 228 -22.59 7.57 -19.18
C LYS A 228 -23.50 8.80 -19.14
N LYS A 229 -24.77 8.60 -18.81
CA LYS A 229 -25.71 9.71 -18.72
C LYS A 229 -25.46 10.64 -17.50
N ASN A 230 -25.03 10.06 -16.39
CA ASN A 230 -24.71 10.84 -15.22
C ASN A 230 -23.27 11.38 -15.25
N GLY A 231 -22.47 10.97 -16.24
CA GLY A 231 -21.04 11.39 -16.27
C GLY A 231 -20.31 10.90 -14.98
N SER A 232 -20.61 9.66 -14.59
CA SER A 232 -19.97 9.02 -13.42
C SER A 232 -18.84 8.06 -13.84
N ILE A 233 -17.96 7.75 -12.88
CA ILE A 233 -16.95 6.70 -13.07
C ILE A 233 -17.37 5.46 -12.29
N ILE A 234 -17.38 4.32 -12.96
CA ILE A 234 -17.65 3.07 -12.26
C ILE A 234 -16.32 2.47 -11.82
N VAL A 235 -16.22 2.09 -10.55
CA VAL A 235 -15.08 1.30 -10.10
C VAL A 235 -15.63 -0.10 -9.92
N TYR A 236 -15.26 -0.99 -10.85
CA TYR A 236 -15.78 -2.37 -10.92
C TYR A 236 -14.83 -3.34 -10.26
N ASP A 237 -15.32 -4.03 -9.23
CA ASP A 237 -14.49 -4.93 -8.43
C ASP A 237 -14.83 -6.36 -8.85
N SER A 238 -13.93 -7.03 -9.56
CA SER A 238 -14.20 -8.35 -10.15
C SER A 238 -13.41 -9.43 -9.40
N ALA A 239 -13.07 -9.13 -8.14
CA ALA A 239 -12.28 -10.01 -7.30
C ALA A 239 -12.77 -11.48 -7.25
N TYR A 240 -14.07 -11.70 -7.38
CA TYR A 240 -14.61 -13.08 -7.34
C TYR A 240 -15.08 -13.61 -8.69
N ALA A 241 -14.67 -12.97 -9.78
CA ALA A 241 -15.18 -13.31 -11.10
C ALA A 241 -14.79 -14.71 -11.56
N MSE A 242 -13.66 -15.21 -11.08
CA MSE A 242 -13.28 -16.59 -11.47
C MSE A 242 -14.21 -17.66 -10.87
O MSE A 242 -14.15 -18.82 -11.28
CB MSE A 242 -11.84 -16.93 -11.06
CG MSE A 242 -10.75 -16.10 -11.71
SE MSE A 242 -10.88 -16.16 -13.63
CE MSE A 242 -12.09 -14.66 -14.09
N TYR A 243 -15.02 -17.27 -9.89
CA TYR A 243 -16.06 -18.18 -9.33
C TYR A 243 -17.35 -18.24 -10.15
N MSE A 244 -17.46 -17.41 -11.19
CA MSE A 244 -18.68 -17.34 -12.00
C MSE A 244 -19.08 -18.73 -12.55
O MSE A 244 -18.25 -19.41 -13.13
CB MSE A 244 -18.46 -16.40 -13.18
CG MSE A 244 -19.73 -16.08 -13.96
SE MSE A 244 -20.65 -14.76 -12.90
CE MSE A 244 -19.42 -13.24 -13.10
N SER A 245 -20.32 -19.17 -12.32
CA SER A 245 -20.87 -20.35 -13.00
C SER A 245 -21.87 -19.96 -14.05
N ASP A 246 -22.78 -19.03 -13.74
CA ASP A 246 -23.71 -18.50 -14.76
C ASP A 246 -22.97 -17.84 -15.95
N ASP A 247 -23.63 -17.79 -17.11
CA ASP A 247 -23.03 -17.18 -18.29
C ASP A 247 -23.20 -15.66 -18.28
N ASN A 248 -22.49 -14.98 -17.37
CA ASN A 248 -22.49 -13.52 -17.21
C ASN A 248 -21.08 -12.96 -17.45
N PRO A 249 -20.98 -11.69 -17.86
CA PRO A 249 -19.64 -11.08 -18.08
C PRO A 249 -18.81 -11.13 -16.81
N ARG A 250 -17.52 -11.43 -16.99
CA ARG A 250 -16.54 -11.40 -15.89
C ARG A 250 -15.80 -10.06 -15.79
N SER A 251 -15.83 -9.26 -16.85
CA SER A 251 -15.22 -7.93 -16.85
C SER A 251 -16.20 -6.92 -17.37
N ILE A 252 -16.20 -5.75 -16.73
CA ILE A 252 -16.99 -4.62 -17.14
C ILE A 252 -16.64 -4.20 -18.57
N PHE A 253 -15.41 -4.49 -19.02
CA PHE A 253 -14.99 -4.06 -20.36
C PHE A 253 -15.63 -4.89 -21.48
N GLU A 254 -16.32 -5.97 -21.12
CA GLU A 254 -17.19 -6.70 -22.08
C GLU A 254 -18.43 -5.86 -22.56
N ILE A 255 -18.75 -4.78 -21.86
CA ILE A 255 -19.90 -3.89 -22.22
C ILE A 255 -19.40 -2.76 -23.08
N PRO A 256 -19.86 -2.68 -24.36
CA PRO A 256 -19.38 -1.58 -25.21
C PRO A 256 -19.70 -0.24 -24.56
N GLY A 257 -18.73 0.66 -24.49
CA GLY A 257 -18.97 1.93 -23.78
C GLY A 257 -18.35 1.99 -22.39
N ALA A 258 -18.02 0.83 -21.81
CA ALA A 258 -17.43 0.78 -20.45
C ALA A 258 -16.09 1.49 -20.39
N GLU A 259 -15.39 1.55 -21.51
CA GLU A 259 -14.06 2.14 -21.57
C GLU A 259 -14.03 3.67 -21.41
N GLU A 260 -15.21 4.30 -21.54
CA GLU A 260 -15.38 5.73 -21.35
C GLU A 260 -15.84 6.09 -19.93
N VAL A 261 -16.24 5.09 -19.14
CA VAL A 261 -16.81 5.39 -17.82
C VAL A 261 -16.34 4.48 -16.71
N ALA A 262 -15.55 3.43 -17.01
CA ALA A 262 -15.22 2.42 -16.00
C ALA A 262 -13.75 2.12 -15.86
N MSE A 263 -13.39 1.74 -14.64
CA MSE A 263 -12.14 1.06 -14.39
C MSE A 263 -12.46 -0.23 -13.65
O MSE A 263 -13.58 -0.39 -13.10
CB MSE A 263 -11.23 1.95 -13.55
CG MSE A 263 -11.79 2.20 -12.19
SE MSE A 263 -10.49 3.26 -11.17
CE MSE A 263 -10.59 4.91 -12.12
N GLU A 264 -11.48 -1.13 -13.58
CA GLU A 264 -11.66 -2.44 -12.94
C GLU A 264 -10.53 -2.76 -11.97
N THR A 265 -10.88 -3.29 -10.79
CA THR A 265 -9.86 -3.72 -9.81
C THR A 265 -10.06 -5.21 -9.47
N ALA A 266 -8.98 -5.91 -9.19
CA ALA A 266 -9.03 -7.37 -9.01
C ALA A 266 -7.85 -7.82 -8.18
N SER A 267 -7.82 -9.12 -7.85
CA SER A 267 -6.76 -9.68 -6.97
C SER A 267 -6.56 -11.18 -7.25
N PHE A 268 -5.36 -11.68 -6.97
CA PHE A 268 -5.13 -13.14 -6.95
C PHE A 268 -5.48 -13.77 -5.59
N SER A 269 -5.91 -12.98 -4.61
CA SER A 269 -6.09 -13.52 -3.24
C SER A 269 -6.97 -14.77 -3.16
N LYS A 270 -8.10 -14.73 -3.86
CA LYS A 270 -9.17 -15.74 -3.65
C LYS A 270 -9.07 -16.83 -4.71
N TYR A 271 -8.13 -16.63 -5.61
CA TYR A 271 -7.87 -17.49 -6.77
C TYR A 271 -6.72 -18.45 -6.47
N ALA A 272 -5.64 -17.92 -5.90
CA ALA A 272 -4.42 -18.71 -5.66
C ALA A 272 -4.11 -18.96 -4.18
N GLY A 273 -4.96 -18.44 -3.28
CA GLY A 273 -4.63 -18.48 -1.86
C GLY A 273 -3.63 -17.36 -1.50
N PHE A 274 -3.65 -16.29 -2.30
CA PHE A 274 -2.66 -15.22 -2.16
C PHE A 274 -2.95 -14.24 -1.03
N THR A 275 -3.91 -14.58 -0.16
CA THR A 275 -4.37 -13.63 0.87
C THR A 275 -3.21 -13.05 1.70
N GLY A 276 -2.20 -13.88 1.94
CA GLY A 276 -0.99 -13.44 2.69
C GLY A 276 0.23 -13.08 1.82
N VAL A 277 0.14 -13.44 0.53
CA VAL A 277 1.22 -13.20 -0.45
C VAL A 277 1.17 -11.78 -1.03
N ARG A 278 -0.04 -11.29 -1.37
CA ARG A 278 -0.26 -9.86 -1.72
C ARG A 278 -0.02 -9.51 -3.19
N LEU A 279 -1.04 -9.69 -4.03
CA LEU A 279 -0.93 -9.18 -5.40
C LEU A 279 -2.32 -8.96 -6.04
N GLY A 280 -2.52 -7.76 -6.54
CA GLY A 280 -3.73 -7.44 -7.29
C GLY A 280 -3.38 -6.60 -8.49
N TRP A 281 -4.41 -6.05 -9.12
CA TRP A 281 -4.26 -5.08 -10.20
C TRP A 281 -5.49 -4.21 -10.37
N THR A 282 -5.29 -3.05 -10.97
CA THR A 282 -6.36 -2.19 -11.43
C THR A 282 -6.14 -1.91 -12.93
N VAL A 283 -7.23 -1.85 -13.70
CA VAL A 283 -7.19 -1.50 -15.11
C VAL A 283 -7.91 -0.21 -15.36
N ILE A 284 -7.26 0.74 -16.00
CA ILE A 284 -7.88 2.02 -16.27
C ILE A 284 -7.69 2.27 -17.76
N PRO A 285 -8.81 2.34 -18.52
CA PRO A 285 -8.75 2.51 -19.97
C PRO A 285 -8.35 3.91 -20.39
N LYS A 286 -7.91 4.02 -21.65
CA LYS A 286 -7.41 5.28 -22.18
C LYS A 286 -8.49 6.31 -22.41
N LYS A 287 -9.73 5.85 -22.64
CA LYS A 287 -10.85 6.75 -22.90
C LYS A 287 -11.60 7.29 -21.65
N LEU A 288 -11.15 6.91 -20.47
CA LEU A 288 -11.75 7.38 -19.22
C LEU A 288 -11.15 8.75 -18.85
N LEU A 289 -11.96 9.80 -18.89
CA LEU A 289 -11.45 11.17 -18.75
C LEU A 289 -12.24 11.88 -17.69
N TYR A 290 -11.58 12.79 -16.99
CA TYR A 290 -12.25 13.74 -16.09
C TYR A 290 -13.00 14.79 -16.92
N SER A 291 -13.81 15.63 -16.27
CA SER A 291 -14.63 16.64 -16.96
C SER A 291 -13.83 17.64 -17.77
N ASP A 292 -12.53 17.79 -17.47
CA ASP A 292 -11.65 18.71 -18.22
C ASP A 292 -10.85 18.01 -19.32
N GLY A 293 -11.15 16.73 -19.55
CA GLY A 293 -10.49 15.96 -20.59
C GLY A 293 -9.23 15.26 -20.14
N PHE A 294 -8.79 15.49 -18.90
CA PHE A 294 -7.56 14.84 -18.38
C PHE A 294 -7.74 13.33 -18.15
N PRO A 295 -6.81 12.47 -18.68
CA PRO A 295 -7.05 11.02 -18.49
C PRO A 295 -6.86 10.60 -17.05
N VAL A 296 -7.83 9.86 -16.53
CA VAL A 296 -7.78 9.38 -15.15
C VAL A 296 -6.55 8.52 -14.91
N ALA A 297 -6.18 7.70 -15.90
CA ALA A 297 -5.01 6.82 -15.74
C ALA A 297 -3.71 7.59 -15.46
N LYS A 298 -3.59 8.81 -15.96
CA LYS A 298 -2.38 9.61 -15.69
C LYS A 298 -2.27 10.06 -14.22
N ASP A 299 -3.40 10.39 -13.58
CA ASP A 299 -3.34 10.67 -12.16
C ASP A 299 -3.04 9.41 -11.34
N PHE A 300 -3.61 8.27 -11.74
CA PHE A 300 -3.36 7.05 -10.99
C PHE A 300 -1.89 6.72 -11.06
N ASN A 301 -1.33 6.92 -12.24
CA ASN A 301 0.11 6.69 -12.43
C ASN A 301 0.92 7.59 -11.47
N ARG A 302 0.57 8.88 -11.39
CA ARG A 302 1.19 9.75 -10.36
C ARG A 302 1.08 9.20 -8.93
N ILE A 303 -0.11 8.80 -8.54
CA ILE A 303 -0.33 8.22 -7.21
C ILE A 303 0.54 6.99 -6.96
N ILE A 304 0.58 6.11 -7.96
CA ILE A 304 1.29 4.83 -7.86
C ILE A 304 2.80 5.07 -7.75
N CYS A 305 3.29 6.13 -8.40
CA CYS A 305 4.71 6.47 -8.38
C CYS A 305 5.10 7.21 -7.11
N THR A 306 4.16 7.89 -6.48
CA THR A 306 4.53 8.67 -5.29
C THR A 306 4.15 8.08 -3.93
N CYS A 307 3.08 7.27 -3.89
CA CYS A 307 2.54 6.74 -2.63
C CYS A 307 2.74 5.24 -2.48
N PHE A 308 3.47 4.63 -3.42
CA PHE A 308 3.64 3.16 -3.53
C PHE A 308 4.99 2.87 -4.16
N ASN A 309 5.55 1.69 -3.89
CA ASN A 309 6.84 1.28 -4.49
C ASN A 309 6.74 -0.07 -5.21
N GLY A 310 5.52 -0.49 -5.53
CA GLY A 310 5.27 -1.67 -6.38
C GLY A 310 4.98 -2.94 -5.58
N ALA A 311 4.37 -3.94 -6.24
CA ALA A 311 4.20 -5.26 -5.62
C ALA A 311 5.58 -5.91 -5.38
N SER A 312 5.66 -6.82 -4.41
CA SER A 312 6.88 -7.59 -4.17
C SER A 312 7.32 -8.29 -5.45
N ASN A 313 8.61 -8.26 -5.76
CA ASN A 313 9.14 -9.01 -6.89
C ASN A 313 8.82 -10.50 -6.86
N ILE A 314 8.84 -11.09 -5.67
CA ILE A 314 8.51 -12.51 -5.47
C ILE A 314 7.00 -12.76 -5.71
N SER A 315 6.15 -11.87 -5.24
CA SER A 315 4.69 -11.97 -5.49
C SER A 315 4.39 -11.87 -6.99
N GLN A 316 5.11 -10.99 -7.68
CA GLN A 316 4.91 -10.79 -9.12
C GLN A 316 5.31 -12.04 -9.90
N ALA A 317 6.40 -12.68 -9.46
CA ALA A 317 6.84 -13.93 -10.09
C ALA A 317 5.85 -15.05 -9.85
N GLY A 318 5.21 -15.07 -8.68
CA GLY A 318 4.15 -16.07 -8.41
C GLY A 318 2.97 -15.84 -9.35
N ALA A 319 2.57 -14.58 -9.49
CA ALA A 319 1.41 -14.19 -10.33
C ALA A 319 1.73 -14.53 -11.77
N LEU A 320 2.97 -14.32 -12.19
CA LEU A 320 3.35 -14.64 -13.55
C LEU A 320 3.21 -16.14 -13.81
N ALA A 321 3.60 -16.96 -12.82
CA ALA A 321 3.42 -18.43 -12.88
C ALA A 321 1.94 -18.87 -12.91
N CYS A 322 1.07 -18.08 -12.30
CA CYS A 322 -0.37 -18.38 -12.34
C CYS A 322 -0.93 -18.31 -13.76
N LEU A 323 -0.41 -17.38 -14.56
CA LEU A 323 -0.99 -17.07 -15.88
C LEU A 323 -0.29 -17.86 -16.99
N THR A 324 -0.37 -19.19 -16.84
CA THR A 324 0.27 -20.19 -17.69
C THR A 324 -0.70 -21.36 -17.73
N PRO A 325 -0.55 -22.27 -18.71
CA PRO A 325 -1.45 -23.44 -18.68
C PRO A 325 -1.51 -24.18 -17.30
N GLU A 326 -0.35 -24.47 -16.73
CA GLU A 326 -0.31 -25.18 -15.45
C GLU A 326 -0.86 -24.32 -14.30
N GLY A 327 -0.53 -23.04 -14.29
CA GLY A 327 -1.06 -22.13 -13.26
C GLY A 327 -2.59 -22.06 -13.34
N LEU A 328 -3.10 -21.91 -14.54
CA LEU A 328 -4.51 -21.75 -14.73
C LEU A 328 -5.26 -23.04 -14.34
N GLU A 329 -4.66 -24.18 -14.64
CA GLU A 329 -5.25 -25.45 -14.28
C GLU A 329 -5.28 -25.60 -12.76
N ALA A 330 -4.17 -25.24 -12.12
CA ALA A 330 -4.10 -25.26 -10.64
C ALA A 330 -5.16 -24.35 -10.00
N MSE A 331 -5.37 -23.16 -10.56
CA MSE A 331 -6.39 -22.26 -10.00
C MSE A 331 -7.81 -22.77 -10.18
O MSE A 331 -8.64 -22.62 -9.30
CB MSE A 331 -6.22 -20.84 -10.52
CG MSE A 331 -4.96 -20.18 -9.96
SE MSE A 331 -4.75 -18.30 -10.39
CE MSE A 331 -5.56 -18.21 -12.17
N HIS A 332 -8.07 -23.41 -11.32
CA HIS A 332 -9.39 -23.97 -11.59
C HIS A 332 -9.73 -25.06 -10.58
N LYS A 333 -8.72 -25.87 -10.25
CA LYS A 333 -8.88 -26.99 -9.32
C LYS A 333 -9.21 -26.46 -7.91
N VAL A 334 -8.49 -25.43 -7.49
CA VAL A 334 -8.69 -24.77 -6.17
C VAL A 334 -10.06 -24.12 -6.08
N ILE A 335 -10.38 -23.29 -7.07
CA ILE A 335 -11.70 -22.65 -7.15
C ILE A 335 -12.77 -23.70 -7.12
N GLY A 336 -12.56 -24.79 -7.88
CA GLY A 336 -13.50 -25.90 -7.92
C GLY A 336 -13.73 -26.55 -6.56
N PHE A 337 -12.66 -26.70 -5.80
CA PHE A 337 -12.78 -27.24 -4.44
C PHE A 337 -13.69 -26.32 -3.59
N TYR A 338 -13.44 -25.01 -3.63
CA TYR A 338 -14.23 -24.09 -2.79
C TYR A 338 -15.67 -23.99 -3.29
N LYS A 339 -15.89 -24.15 -4.59
CA LYS A 339 -17.27 -24.17 -5.13
C LYS A 339 -18.07 -25.37 -4.59
N GLU A 340 -17.43 -26.50 -4.40
CA GLU A 340 -18.13 -27.64 -3.89
C GLU A 340 -18.37 -27.47 -2.39
N ASN A 341 -17.42 -26.86 -1.68
CA ASN A 341 -17.72 -26.41 -0.30
C ASN A 341 -18.98 -25.55 -0.26
N THR A 342 -19.08 -24.60 -1.20
CA THR A 342 -20.28 -23.71 -1.17
C THR A 342 -21.60 -24.46 -1.41
N ASN A 343 -21.58 -25.43 -2.35
CA ASN A 343 -22.71 -26.34 -2.61
C ASN A 343 -23.16 -27.11 -1.36
N ILE A 344 -22.20 -27.62 -0.58
CA ILE A 344 -22.50 -28.29 0.69
C ILE A 344 -23.26 -27.32 1.61
N ILE A 345 -22.78 -26.07 1.70
CA ILE A 345 -23.42 -25.07 2.55
C ILE A 345 -24.81 -24.70 2.08
N ILE A 346 -24.95 -24.46 0.77
CA ILE A 346 -26.25 -24.19 0.14
C ILE A 346 -27.22 -25.30 0.49
N ASP A 347 -26.83 -26.54 0.24
CA ASP A 347 -27.68 -27.70 0.47
C ASP A 347 -28.08 -27.81 1.93
N THR A 348 -27.14 -27.53 2.82
CA THR A 348 -27.42 -27.48 4.25
C THR A 348 -28.55 -26.49 4.62
N PHE A 349 -28.43 -25.22 4.25
CA PHE A 349 -29.43 -24.24 4.65
C PHE A 349 -30.77 -24.42 3.95
N THR A 350 -30.74 -24.84 2.70
CA THR A 350 -31.97 -25.13 1.95
C THR A 350 -32.71 -26.32 2.60
N SER A 351 -31.95 -27.35 2.99
CA SER A 351 -32.49 -28.51 3.70
C SER A 351 -33.21 -28.10 5.01
N LEU A 352 -32.68 -27.08 5.68
CA LEU A 352 -33.23 -26.55 6.93
C LEU A 352 -34.39 -25.56 6.77
N GLY A 353 -34.78 -25.29 5.52
CA GLY A 353 -35.88 -24.40 5.19
C GLY A 353 -35.61 -22.90 5.06
N TYR A 354 -34.35 -22.51 5.09
CA TYR A 354 -33.97 -21.11 4.88
C TYR A 354 -33.92 -20.73 3.42
N ASP A 355 -34.16 -19.45 3.17
CA ASP A 355 -33.86 -18.88 1.87
C ASP A 355 -32.39 -18.53 1.82
N VAL A 356 -31.70 -19.14 0.87
CA VAL A 356 -30.27 -18.91 0.76
C VAL A 356 -30.01 -18.34 -0.60
N TYR A 357 -29.31 -17.21 -0.60
CA TYR A 357 -28.94 -16.51 -1.81
C TYR A 357 -27.42 -16.62 -2.05
N GLY A 358 -27.00 -16.27 -3.25
CA GLY A 358 -25.61 -16.38 -3.62
C GLY A 358 -25.20 -17.83 -3.74
N GLY A 359 -23.92 -18.10 -3.55
CA GLY A 359 -23.42 -19.45 -3.61
C GLY A 359 -23.20 -19.98 -5.03
N LYS A 360 -23.94 -19.47 -6.00
CA LYS A 360 -23.84 -20.02 -7.37
C LYS A 360 -22.60 -19.50 -8.07
N ASN A 361 -22.35 -18.22 -7.89
CA ASN A 361 -21.26 -17.52 -8.59
C ASN A 361 -20.15 -16.99 -7.67
N ALA A 362 -20.05 -17.50 -6.45
CA ALA A 362 -19.18 -16.88 -5.43
C ALA A 362 -18.98 -17.86 -4.28
N PRO A 363 -17.81 -17.82 -3.60
CA PRO A 363 -17.52 -18.82 -2.55
C PRO A 363 -18.04 -18.42 -1.16
N TYR A 364 -19.29 -17.97 -1.11
CA TYR A 364 -19.96 -17.64 0.16
C TYR A 364 -21.47 -17.62 -0.11
N VAL A 365 -22.26 -17.78 0.95
CA VAL A 365 -23.71 -17.79 0.81
C VAL A 365 -24.30 -16.70 1.68
N TRP A 366 -25.45 -16.21 1.27
CA TRP A 366 -26.06 -15.07 1.89
C TRP A 366 -27.41 -15.55 2.40
N VAL A 367 -27.48 -15.85 3.69
CA VAL A 367 -28.62 -16.57 4.22
C VAL A 367 -29.59 -15.57 4.84
N HIS A 368 -30.87 -15.70 4.54
CA HIS A 368 -31.87 -14.75 5.05
C HIS A 368 -32.38 -15.19 6.42
N PHE A 369 -32.26 -14.30 7.40
CA PHE A 369 -32.74 -14.56 8.75
C PHE A 369 -33.72 -13.41 9.04
N PRO A 370 -34.90 -13.42 8.40
CA PRO A 370 -35.78 -12.27 8.56
C PRO A 370 -36.27 -12.16 10.02
N ASN A 371 -36.67 -10.95 10.41
CA ASN A 371 -37.24 -10.71 11.75
C ASN A 371 -36.21 -10.91 12.92
N GLN A 372 -34.91 -10.83 12.59
CA GLN A 372 -33.85 -10.85 13.60
C GLN A 372 -32.79 -9.88 13.15
N SER A 373 -32.07 -9.35 14.12
CA SER A 373 -30.93 -8.52 13.79
C SER A 373 -29.77 -9.46 13.46
N SER A 374 -29.03 -9.18 12.38
CA SER A 374 -27.87 -10.01 12.01
C SER A 374 -26.79 -10.15 13.09
N TRP A 375 -26.58 -9.13 13.89
CA TRP A 375 -25.57 -9.27 14.95
C TRP A 375 -26.03 -10.29 15.97
N ASP A 376 -27.36 -10.36 16.19
CA ASP A 376 -27.92 -11.34 17.14
C ASP A 376 -27.77 -12.75 16.57
N VAL A 377 -27.99 -12.90 15.27
CA VAL A 377 -27.86 -14.22 14.66
C VAL A 377 -26.38 -14.63 14.70
N PHE A 378 -25.49 -13.69 14.36
CA PHE A 378 -24.06 -13.95 14.48
C PHE A 378 -23.72 -14.47 15.90
N ALA A 379 -24.17 -13.73 16.90
CA ALA A 379 -23.88 -14.08 18.27
C ALA A 379 -24.46 -15.45 18.64
N GLU A 380 -25.64 -15.76 18.10
CA GLU A 380 -26.31 -17.04 18.44
C GLU A 380 -25.58 -18.23 17.82
N ILE A 381 -25.22 -18.09 16.54
CA ILE A 381 -24.42 -19.12 15.87
C ILE A 381 -23.08 -19.34 16.57
N LEU A 382 -22.36 -18.24 16.88
CA LEU A 382 -21.06 -18.36 17.57
C LEU A 382 -21.27 -19.06 18.94
N GLU A 383 -22.19 -18.56 19.74
CA GLU A 383 -22.44 -19.12 21.07
C GLU A 383 -22.74 -20.62 21.04
N LYS A 384 -23.69 -21.01 20.18
CA LYS A 384 -24.24 -22.37 20.15
C LYS A 384 -23.43 -23.39 19.35
N THR A 385 -22.77 -22.95 18.28
CA THR A 385 -22.06 -23.91 17.38
C THR A 385 -20.55 -23.72 17.33
N HIS A 386 -20.06 -22.65 17.93
CA HIS A 386 -18.64 -22.32 17.86
C HIS A 386 -18.21 -22.08 16.39
N VAL A 387 -19.13 -21.56 15.57
CA VAL A 387 -18.84 -21.19 14.15
C VAL A 387 -18.90 -19.70 14.01
N VAL A 388 -17.83 -19.09 13.47
CA VAL A 388 -17.89 -17.66 13.16
C VAL A 388 -18.42 -17.41 11.74
N THR A 389 -19.40 -16.50 11.68
CA THR A 389 -20.01 -16.11 10.42
C THR A 389 -19.80 -14.62 10.31
N THR A 390 -20.37 -13.98 9.29
CA THR A 390 -20.32 -12.52 9.22
C THR A 390 -21.73 -11.90 9.21
N PRO A 391 -22.05 -11.01 10.20
CA PRO A 391 -23.40 -10.43 10.17
C PRO A 391 -23.61 -9.52 8.98
N GLY A 392 -24.78 -9.62 8.35
CA GLY A 392 -25.05 -8.86 7.15
C GLY A 392 -24.97 -7.35 7.37
N SER A 393 -25.35 -6.87 8.55
CA SER A 393 -25.32 -5.42 8.79
C SER A 393 -23.88 -4.83 8.82
N GLY A 394 -22.87 -5.71 8.96
CA GLY A 394 -21.47 -5.32 8.76
C GLY A 394 -21.13 -4.84 7.34
N PHE A 395 -22.00 -5.19 6.39
CA PHE A 395 -21.83 -4.75 5.00
C PHE A 395 -22.81 -3.61 4.66
N GLY A 396 -23.32 -2.94 5.68
CA GLY A 396 -24.17 -1.78 5.48
C GLY A 396 -25.60 -2.14 5.84
N PRO A 397 -26.48 -1.11 5.94
CA PRO A 397 -27.85 -1.24 6.42
C PRO A 397 -28.72 -2.24 5.60
N GLY A 398 -28.44 -2.39 4.31
CA GLY A 398 -29.18 -3.39 3.53
C GLY A 398 -28.88 -4.91 3.52
N GLY A 399 -27.80 -5.52 4.03
CA GLY A 399 -27.34 -5.67 5.36
C GLY A 399 -28.16 -6.57 6.27
N GLU A 400 -29.00 -5.86 6.98
CA GLU A 400 -29.79 -6.40 8.03
C GLU A 400 -30.91 -7.28 7.39
N GLY A 401 -31.40 -8.37 7.95
CA GLY A 401 -30.68 -9.35 8.65
C GLY A 401 -30.52 -10.51 7.66
N PHE A 402 -29.32 -10.56 7.12
CA PHE A 402 -28.82 -11.71 6.44
C PHE A 402 -27.56 -11.98 7.21
N VAL A 403 -27.03 -13.18 7.05
CA VAL A 403 -25.72 -13.56 7.57
C VAL A 403 -24.92 -14.08 6.39
N ARG A 404 -23.66 -13.66 6.23
CA ARG A 404 -22.84 -14.23 5.17
C ARG A 404 -22.08 -15.41 5.78
N VAL A 405 -22.08 -16.53 5.07
CA VAL A 405 -21.27 -17.67 5.46
C VAL A 405 -20.21 -17.98 4.40
N SER A 406 -18.94 -17.99 4.80
CA SER A 406 -17.83 -18.24 3.86
C SER A 406 -17.70 -19.73 3.53
N ALA A 407 -17.33 -20.07 2.29
CA ALA A 407 -17.07 -21.49 1.94
C ALA A 407 -15.60 -21.91 2.03
N PHE A 408 -14.73 -20.98 2.40
CA PHE A 408 -13.32 -21.32 2.48
C PHE A 408 -13.04 -22.10 3.77
N GLY A 409 -12.54 -23.32 3.65
CA GLY A 409 -12.14 -24.11 4.82
C GLY A 409 -11.78 -25.49 4.29
N HIS A 410 -11.10 -26.29 5.11
CA HIS A 410 -10.84 -27.68 4.77
C HIS A 410 -12.20 -28.35 4.66
N ARG A 411 -12.29 -29.40 3.84
CA ARG A 411 -13.53 -30.10 3.62
C ARG A 411 -14.17 -30.57 4.93
N GLU A 412 -13.36 -31.12 5.84
CA GLU A 412 -13.93 -31.69 7.07
C GLU A 412 -14.47 -30.61 7.97
N ASN A 413 -13.84 -29.43 7.92
CA ASN A 413 -14.34 -28.31 8.68
C ASN A 413 -15.68 -27.81 8.15
N ILE A 414 -15.83 -27.83 6.83
CA ILE A 414 -17.08 -27.39 6.21
C ILE A 414 -18.18 -28.39 6.56
N LEU A 415 -17.87 -29.68 6.41
CA LEU A 415 -18.84 -30.73 6.75
C LEU A 415 -19.29 -30.65 8.21
N GLU A 416 -18.34 -30.46 9.11
CA GLU A 416 -18.62 -30.33 10.54
C GLU A 416 -19.42 -29.04 10.88
N ALA A 417 -19.05 -27.90 10.30
CA ALA A 417 -19.86 -26.69 10.47
C ALA A 417 -21.32 -26.95 10.10
N CYS A 418 -21.51 -27.62 8.97
CA CYS A 418 -22.84 -27.88 8.46
C CYS A 418 -23.62 -28.85 9.35
N ARG A 419 -22.94 -29.84 9.92
CA ARG A 419 -23.68 -30.69 10.86
C ARG A 419 -24.08 -29.96 12.15
N ARG A 420 -23.25 -29.00 12.58
CA ARG A 420 -23.60 -28.11 13.69
C ARG A 420 -24.74 -27.17 13.37
N PHE A 421 -24.77 -26.61 12.16
CA PHE A 421 -25.94 -25.82 11.73
C PHE A 421 -27.23 -26.65 11.79
N LYS A 422 -27.16 -27.87 11.32
CA LYS A 422 -28.31 -28.76 11.28
C LYS A 422 -28.86 -29.02 12.68
N GLN A 423 -27.97 -29.27 13.62
CA GLN A 423 -28.31 -29.41 15.04
C GLN A 423 -28.94 -28.15 15.64
N LEU A 424 -28.35 -26.98 15.38
CA LEU A 424 -28.91 -25.71 15.84
C LEU A 424 -30.31 -25.43 15.29
N TYR A 425 -30.51 -25.73 14.01
CA TYR A 425 -31.69 -25.21 13.29
C TYR A 425 -32.75 -26.24 12.94
N LYS A 426 -32.55 -27.46 13.42
CA LYS A 426 -33.45 -28.58 13.13
C LYS A 426 -34.94 -28.31 13.43
N HIS A 427 -35.25 -27.57 14.49
CA HIS A 427 -36.67 -27.32 14.85
C HIS A 427 -37.29 -26.06 14.25
N HIS A 428 -36.60 -25.40 13.32
CA HIS A 428 -37.06 -24.11 12.84
C HIS A 428 -38.11 -24.19 11.71
N HIS A 429 -38.06 -25.24 10.89
CA HIS A 429 -38.98 -25.40 9.76
C HIS A 429 -39.26 -26.88 9.54
N HIS A 430 -40.33 -27.26 8.84
CA HIS A 430 -41.19 -26.39 7.99
C HIS A 430 -40.47 -25.45 7.00
N GLU B 19 -14.78 13.32 -28.45
CA GLU B 19 -14.62 12.28 -27.40
C GLU B 19 -15.49 12.55 -26.17
N TYR B 20 -15.93 11.46 -25.56
CA TYR B 20 -16.68 11.49 -24.31
C TYR B 20 -15.77 11.78 -23.08
N LYS B 21 -16.26 12.62 -22.18
CA LYS B 21 -15.59 12.95 -20.91
C LYS B 21 -16.65 12.68 -19.88
N THR B 22 -16.25 12.22 -18.70
CA THR B 22 -17.19 12.16 -17.58
C THR B 22 -17.49 13.55 -17.05
N LYS B 23 -18.38 13.65 -16.06
CA LYS B 23 -18.60 14.92 -15.41
C LYS B 23 -17.88 14.94 -14.07
N VAL B 24 -16.93 14.01 -13.87
CA VAL B 24 -16.24 14.08 -12.57
C VAL B 24 -15.06 15.04 -12.60
N SER B 25 -15.03 15.91 -11.60
CA SER B 25 -13.99 16.94 -11.59
C SER B 25 -12.65 16.33 -11.15
N ARG B 26 -11.60 16.58 -11.93
CA ARG B 26 -10.26 16.17 -11.53
C ARG B 26 -9.99 16.70 -10.12
N ASN B 27 -9.39 15.85 -9.28
CA ASN B 27 -8.95 16.24 -7.93
C ASN B 27 -7.99 17.42 -8.05
N SER B 28 -8.38 18.56 -7.49
CA SER B 28 -7.60 19.79 -7.68
C SER B 28 -6.23 19.73 -6.99
N ASN B 29 -6.08 18.78 -6.06
CA ASN B 29 -4.76 18.52 -5.44
C ASN B 29 -3.79 17.86 -6.42
N MSE B 30 -4.32 17.03 -7.32
CA MSE B 30 -3.48 16.46 -8.38
C MSE B 30 -2.99 17.52 -9.34
O MSE B 30 -1.84 17.47 -9.75
CB MSE B 30 -4.20 15.34 -9.14
CG MSE B 30 -4.70 14.21 -8.29
SE MSE B 30 -3.31 13.33 -7.16
CE MSE B 30 -2.16 12.74 -8.63
N SER B 31 -3.86 18.47 -9.70
CA SER B 31 -3.50 19.60 -10.58
C SER B 31 -2.38 20.48 -10.03
N LYS B 32 -2.31 20.59 -8.71
CA LYS B 32 -1.27 21.39 -8.03
C LYS B 32 0.15 20.94 -8.34
N LEU B 33 0.35 19.62 -8.41
CA LEU B 33 1.65 19.02 -8.62
C LEU B 33 2.31 19.60 -9.88
N GLN B 34 3.57 19.96 -9.73
CA GLN B 34 4.27 20.74 -10.74
C GLN B 34 4.68 19.87 -11.92
N ALA B 35 5.02 18.61 -11.68
CA ALA B 35 5.40 17.68 -12.76
C ALA B 35 5.26 16.24 -12.24
N GLY B 36 5.75 15.26 -13.00
CA GLY B 36 5.86 13.89 -12.51
C GLY B 36 6.75 13.77 -11.26
N TYR B 37 6.62 12.64 -10.56
CA TYR B 37 7.52 12.32 -9.45
C TYR B 37 8.95 12.28 -9.98
N LEU B 38 9.90 12.67 -9.12
CA LEU B 38 11.28 12.92 -9.52
C LEU B 38 11.91 11.75 -10.26
N PHE B 39 11.83 10.56 -9.68
CA PHE B 39 12.61 9.43 -10.19
C PHE B 39 12.08 8.85 -11.50
N PRO B 40 10.75 8.74 -11.64
CA PRO B 40 10.17 8.47 -12.97
C PRO B 40 10.61 9.49 -14.05
N GLU B 41 10.72 10.77 -13.70
CA GLU B 41 11.11 11.81 -14.67
C GLU B 41 12.58 11.69 -15.15
N ILE B 42 13.44 11.34 -14.22
CA ILE B 42 14.82 10.92 -14.50
C ILE B 42 14.84 9.70 -15.40
N ALA B 43 14.06 8.67 -15.04
CA ALA B 43 14.10 7.42 -15.82
C ALA B 43 13.64 7.69 -17.25
N ARG B 44 12.74 8.65 -17.42
CA ARG B 44 12.34 9.09 -18.74
C ARG B 44 13.52 9.68 -19.53
N ARG B 45 14.24 10.61 -18.89
CA ARG B 45 15.42 11.23 -19.48
C ARG B 45 16.50 10.20 -19.81
N ARG B 46 16.59 9.16 -18.99
CA ARG B 46 17.47 8.02 -19.24
C ARG B 46 17.01 7.22 -20.48
N SER B 47 15.71 6.99 -20.58
CA SER B 47 15.09 6.31 -21.73
C SER B 47 15.28 7.08 -23.03
N ALA B 48 15.06 8.39 -22.99
CA ALA B 48 15.35 9.21 -24.17
C ALA B 48 16.83 9.14 -24.57
N HIS B 49 17.72 9.05 -23.58
CA HIS B 49 19.15 8.98 -23.87
C HIS B 49 19.48 7.67 -24.60
N LEU B 50 18.89 6.58 -24.14
CA LEU B 50 19.11 5.30 -24.77
C LEU B 50 18.46 5.15 -26.15
N LEU B 51 17.38 5.91 -26.40
CA LEU B 51 16.86 6.05 -27.77
C LEU B 51 17.90 6.68 -28.68
N LYS B 52 18.54 7.76 -28.20
CA LYS B 52 19.50 8.54 -28.99
C LYS B 52 20.79 7.72 -29.15
N TYR B 53 21.22 7.04 -28.07
CA TYR B 53 22.41 6.21 -28.11
C TYR B 53 22.16 4.75 -27.66
N PRO B 54 21.64 3.88 -28.56
CA PRO B 54 21.17 2.56 -28.12
C PRO B 54 22.25 1.66 -27.51
N ASP B 55 23.50 1.91 -27.85
CA ASP B 55 24.59 1.04 -27.39
C ASP B 55 25.39 1.68 -26.28
N ALA B 56 24.91 2.79 -25.74
CA ALA B 56 25.56 3.49 -24.63
C ALA B 56 25.61 2.58 -23.40
N GLN B 57 26.76 2.51 -22.73
CA GLN B 57 26.79 1.72 -21.51
C GLN B 57 26.49 2.63 -20.32
N VAL B 58 25.20 2.71 -20.01
CA VAL B 58 24.73 3.65 -18.99
C VAL B 58 25.01 3.06 -17.60
N ILE B 59 25.59 3.88 -16.73
CA ILE B 59 25.72 3.51 -15.33
C ILE B 59 24.75 4.37 -14.53
N SER B 60 23.86 3.72 -13.78
CA SER B 60 22.90 4.50 -12.98
C SER B 60 23.32 4.72 -11.54
N LEU B 61 23.60 5.98 -11.21
CA LEU B 61 23.87 6.40 -9.84
C LEU B 61 22.84 7.46 -9.44
N GLY B 62 21.63 7.31 -9.99
CA GLY B 62 20.52 8.24 -9.75
C GLY B 62 19.74 7.77 -8.54
N ILE B 63 18.56 7.18 -8.78
CA ILE B 63 17.80 6.58 -7.68
C ILE B 63 18.71 5.63 -6.88
N GLY B 64 18.59 5.70 -5.55
CA GLY B 64 19.40 4.89 -4.65
C GLY B 64 18.88 3.48 -4.61
N ASP B 65 19.06 2.74 -5.70
CA ASP B 65 18.67 1.35 -5.76
C ASP B 65 19.89 0.44 -5.56
N THR B 66 19.77 -0.49 -4.62
CA THR B 66 20.82 -1.46 -4.31
C THR B 66 21.05 -2.40 -5.49
N THR B 67 22.27 -2.89 -5.60
CA THR B 67 22.66 -3.61 -6.79
C THR B 67 23.24 -4.97 -6.49
N GLU B 68 23.70 -5.15 -5.26
CA GLU B 68 24.30 -6.42 -4.87
C GLU B 68 23.25 -7.44 -4.48
N PRO B 69 23.54 -8.75 -4.72
CA PRO B 69 22.60 -9.80 -4.38
C PRO B 69 22.23 -9.78 -2.89
N ILE B 70 20.99 -10.17 -2.60
CA ILE B 70 20.54 -10.32 -1.24
C ILE B 70 21.27 -11.53 -0.67
N PRO B 71 21.76 -11.41 0.59
CA PRO B 71 22.44 -12.55 1.21
C PRO B 71 21.59 -13.81 1.24
N GLU B 72 22.26 -14.94 1.02
CA GLU B 72 21.62 -16.23 1.03
C GLU B 72 20.85 -16.58 2.29
N VAL B 73 21.31 -16.10 3.45
CA VAL B 73 20.58 -16.35 4.72
C VAL B 73 19.14 -15.81 4.63
N ILE B 74 18.99 -14.65 4.00
CA ILE B 74 17.69 -14.00 3.81
C ILE B 74 16.83 -14.65 2.72
N THR B 75 17.41 -14.85 1.53
CA THR B 75 16.70 -15.51 0.42
C THR B 75 16.33 -16.96 0.71
N SER B 76 17.21 -17.70 1.42
CA SER B 76 16.85 -19.04 1.83
C SER B 76 15.62 -19.09 2.78
N ALA B 77 15.49 -18.13 3.70
CA ALA B 77 14.30 -18.00 4.54
C ALA B 77 13.04 -17.72 3.71
N MSE B 78 13.17 -16.85 2.71
CA MSE B 78 12.02 -16.48 1.88
C MSE B 78 11.59 -17.67 1.04
O MSE B 78 10.40 -17.96 0.96
CB MSE B 78 12.37 -15.26 1.04
CG MSE B 78 12.53 -14.03 1.92
SE MSE B 78 12.54 -12.34 0.98
CE MSE B 78 10.72 -12.16 0.35
N ALA B 79 12.57 -18.37 0.44
CA ALA B 79 12.28 -19.59 -0.36
C ALA B 79 11.60 -20.67 0.49
N LYS B 80 12.10 -20.87 1.71
CA LYS B 80 11.50 -21.83 2.62
C LYS B 80 10.06 -21.45 2.95
N LYS B 81 9.78 -20.18 3.22
CA LYS B 81 8.43 -19.72 3.49
C LYS B 81 7.49 -19.99 2.29
N ALA B 82 7.98 -19.65 1.09
CA ALA B 82 7.26 -19.98 -0.14
C ALA B 82 6.94 -21.48 -0.24
N HIS B 83 7.92 -22.36 -0.12
CA HIS B 83 7.60 -23.81 -0.07
C HIS B 83 6.54 -24.18 0.96
N GLU B 84 6.67 -23.62 2.18
CA GLU B 84 5.72 -23.91 3.26
C GLU B 84 4.28 -23.58 2.92
N LEU B 85 4.08 -22.53 2.12
CA LEU B 85 2.72 -22.15 1.69
C LEU B 85 2.04 -23.23 0.83
N SER B 86 2.81 -24.18 0.32
CA SER B 86 2.26 -25.33 -0.45
C SER B 86 1.98 -26.59 0.36
N THR B 87 2.22 -26.53 1.67
CA THR B 87 1.94 -27.65 2.59
C THR B 87 0.76 -27.28 3.47
N ILE B 88 0.04 -28.30 3.97
CA ILE B 88 -1.14 -28.09 4.82
C ILE B 88 -0.74 -27.44 6.12
N GLU B 89 0.35 -27.95 6.70
CA GLU B 89 0.93 -27.47 7.95
C GLU B 89 1.55 -26.06 7.85
N GLY B 90 2.14 -25.73 6.72
CA GLY B 90 2.85 -24.46 6.59
C GLY B 90 2.05 -23.31 5.97
N TYR B 91 0.93 -23.63 5.32
CA TYR B 91 0.13 -22.59 4.68
C TYR B 91 -0.40 -21.57 5.67
N SER B 92 -0.35 -20.29 5.29
CA SER B 92 -0.99 -19.23 6.02
C SER B 92 -1.61 -18.21 5.05
N GLY B 93 -2.82 -17.75 5.41
CA GLY B 93 -3.51 -16.73 4.62
C GLY B 93 -3.24 -15.32 5.07
N TYR B 94 -4.31 -14.54 5.30
CA TYR B 94 -4.18 -13.18 5.82
C TYR B 94 -3.34 -13.18 7.11
N GLY B 95 -2.43 -12.22 7.22
CA GLY B 95 -1.72 -12.00 8.47
C GLY B 95 -2.31 -10.77 9.15
N ALA B 96 -1.95 -10.55 10.42
CA ALA B 96 -2.31 -9.27 11.06
C ALA B 96 -1.78 -8.13 10.20
N GLU B 97 -2.63 -7.16 9.85
CA GLU B 97 -2.24 -5.97 9.06
C GLU B 97 -1.06 -5.21 9.69
N GLN B 98 -0.96 -5.24 11.03
CA GLN B 98 0.16 -4.63 11.76
C GLN B 98 1.50 -5.40 11.63
N GLY B 99 1.42 -6.66 11.22
CA GLY B 99 2.63 -7.48 11.05
C GLY B 99 2.74 -8.63 12.04
N ALA B 100 3.43 -9.70 11.63
CA ALA B 100 3.60 -10.84 12.52
C ALA B 100 4.19 -10.41 13.85
N LYS B 101 3.56 -10.87 14.93
CA LYS B 101 4.04 -10.54 16.24
C LYS B 101 5.55 -10.86 16.48
N PRO B 102 6.07 -12.06 16.08
CA PRO B 102 7.55 -12.26 16.22
C PRO B 102 8.40 -11.22 15.47
N LEU B 103 7.93 -10.73 14.32
CA LEU B 103 8.68 -9.68 13.57
C LEU B 103 8.58 -8.33 14.28
N ARG B 104 7.39 -7.96 14.72
CA ARG B 104 7.28 -6.71 15.47
C ARG B 104 8.19 -6.71 16.72
N ALA B 105 8.29 -7.87 17.36
CA ALA B 105 9.16 -8.09 18.54
C ALA B 105 10.64 -7.99 18.19
N ALA B 106 11.05 -8.64 17.09
CA ALA B 106 12.40 -8.54 16.60
C ALA B 106 12.82 -7.10 16.29
N ILE B 107 11.93 -6.35 15.63
CA ILE B 107 12.16 -4.92 15.34
C ILE B 107 12.27 -4.12 16.64
N ALA B 108 11.31 -4.31 17.55
CA ALA B 108 11.32 -3.50 18.76
C ALA B 108 12.60 -3.73 19.51
N LYS B 109 13.00 -4.99 19.63
CA LYS B 109 14.19 -5.28 20.42
C LYS B 109 15.47 -4.89 19.71
N THR B 110 15.58 -5.22 18.43
CA THR B 110 16.83 -5.02 17.71
C THR B 110 17.17 -3.55 17.55
N PHE B 111 16.19 -2.73 17.16
CA PHE B 111 16.50 -1.33 16.83
C PHE B 111 16.15 -0.34 17.95
N TYR B 112 15.30 -0.76 18.87
CA TYR B 112 14.80 0.13 19.93
C TYR B 112 14.90 -0.45 21.35
N GLY B 113 15.70 -1.51 21.52
CA GLY B 113 15.82 -2.15 22.84
C GLY B 113 16.41 -1.12 23.79
N GLY B 114 15.77 -0.91 24.92
CA GLY B 114 16.23 0.10 25.89
C GLY B 114 15.58 1.48 25.73
N LEU B 115 14.77 1.67 24.66
CA LEU B 115 14.18 2.99 24.34
C LEU B 115 12.70 3.05 24.67
N GLY B 116 12.20 2.02 25.35
CA GLY B 116 10.83 2.02 25.85
C GLY B 116 9.80 1.74 24.76
N ILE B 117 10.21 1.03 23.72
CA ILE B 117 9.30 0.72 22.60
C ILE B 117 8.80 -0.72 22.73
N GLY B 118 7.47 -0.89 22.75
CA GLY B 118 6.86 -2.19 22.85
C GLY B 118 6.53 -2.77 21.49
N ASP B 119 6.35 -4.09 21.43
CA ASP B 119 6.04 -4.79 20.20
C ASP B 119 4.77 -4.24 19.55
N ASP B 120 3.83 -3.76 20.35
CA ASP B 120 2.58 -3.22 19.82
C ASP B 120 2.66 -1.77 19.29
N ASP B 121 3.82 -1.12 19.49
CA ASP B 121 4.08 0.23 18.93
C ASP B 121 4.65 0.15 17.51
N VAL B 122 5.03 -1.05 17.08
CA VAL B 122 5.64 -1.27 15.75
C VAL B 122 4.55 -1.66 14.74
N PHE B 123 4.53 -0.99 13.59
CA PHE B 123 3.63 -1.33 12.50
C PHE B 123 4.43 -1.71 11.28
N VAL B 124 4.37 -2.99 10.88
CA VAL B 124 5.16 -3.46 9.73
C VAL B 124 4.43 -3.12 8.42
N SER B 125 5.14 -2.54 7.46
CA SER B 125 4.54 -2.15 6.19
C SER B 125 5.25 -2.83 5.02
N ASP B 126 4.75 -2.54 3.81
CA ASP B 126 5.43 -2.90 2.57
C ASP B 126 6.46 -1.86 2.10
N GLY B 127 6.77 -0.87 2.96
CA GLY B 127 7.83 0.10 2.64
C GLY B 127 7.55 1.49 3.23
N ALA B 128 8.62 2.26 3.44
CA ALA B 128 8.53 3.60 4.01
C ALA B 128 7.81 4.58 3.11
N LYS B 129 7.99 4.45 1.80
CA LYS B 129 7.30 5.35 0.88
C LYS B 129 5.78 5.24 1.05
N CYS B 130 5.31 4.01 1.25
CA CYS B 130 3.88 3.72 1.42
C CYS B 130 3.40 4.17 2.81
N ASP B 131 4.23 3.98 3.83
CA ASP B 131 3.94 4.54 5.15
C ASP B 131 3.79 6.04 5.20
N ILE B 132 4.62 6.77 4.47
CA ILE B 132 4.52 8.23 4.47
C ILE B 132 3.11 8.58 3.96
N SER B 133 2.65 7.85 2.95
CA SER B 133 1.32 8.11 2.38
C SER B 133 0.18 7.74 3.28
N ARG B 134 0.30 6.61 3.97
CA ARG B 134 -0.72 6.19 4.91
C ARG B 134 -0.75 7.14 6.10
N LEU B 135 0.42 7.58 6.58
CA LEU B 135 0.46 8.55 7.66
C LEU B 135 -0.22 9.84 7.25
N GLN B 136 0.01 10.27 6.00
CA GLN B 136 -0.60 11.50 5.48
C GLN B 136 -2.11 11.38 5.31
N VAL B 137 -2.62 10.22 4.91
CA VAL B 137 -4.09 9.97 4.93
C VAL B 137 -4.60 10.17 6.38
N MSE B 138 -3.86 9.62 7.33
CA MSE B 138 -4.26 9.69 8.72
C MSE B 138 -4.30 11.14 9.20
O MSE B 138 -5.27 11.55 9.79
CB MSE B 138 -3.30 8.88 9.60
CG MSE B 138 -3.82 8.73 11.01
SE MSE B 138 -2.36 8.25 12.25
CE MSE B 138 -1.22 9.85 12.07
N PHE B 139 -3.20 11.88 9.01
CA PHE B 139 -3.15 13.28 9.43
C PHE B 139 -4.25 14.10 8.73
N GLY B 140 -4.44 13.84 7.44
CA GLY B 140 -5.55 14.44 6.68
C GLY B 140 -5.22 15.82 6.17
N SER B 141 -6.21 16.51 5.59
CA SER B 141 -5.97 17.77 4.84
C SER B 141 -5.67 19.01 5.70
N ASN B 142 -6.09 18.99 6.97
CA ASN B 142 -6.09 20.19 7.84
C ASN B 142 -4.80 20.44 8.65
N VAL B 143 -3.80 19.60 8.48
CA VAL B 143 -2.48 19.83 9.12
C VAL B 143 -1.51 20.63 8.23
N THR B 144 -0.61 21.39 8.85
CA THR B 144 0.43 22.09 8.13
C THR B 144 1.73 21.31 8.36
N ILE B 145 2.61 21.28 7.36
CA ILE B 145 3.88 20.52 7.51
C ILE B 145 5.12 21.39 7.40
N ALA B 146 6.19 20.94 8.05
CA ALA B 146 7.56 21.52 7.85
C ALA B 146 8.39 20.39 7.25
N VAL B 147 9.31 20.72 6.34
CA VAL B 147 10.26 19.73 5.85
C VAL B 147 11.64 20.35 5.82
N GLN B 148 12.67 19.51 5.85
CA GLN B 148 14.03 19.99 5.56
C GLN B 148 14.09 20.41 4.09
N ASP B 149 14.93 21.39 3.79
CA ASP B 149 15.11 21.81 2.41
C ASP B 149 16.60 21.85 2.17
N PRO B 150 17.16 20.87 1.44
CA PRO B 150 16.48 19.83 0.65
C PRO B 150 16.02 18.64 1.46
N SER B 151 15.09 17.89 0.88
CA SER B 151 14.66 16.61 1.41
C SER B 151 14.08 15.73 0.30
N TYR B 152 14.05 14.44 0.61
CA TYR B 152 13.33 13.40 -0.16
C TYR B 152 11.94 13.91 -0.61
N PRO B 153 11.66 13.90 -1.93
CA PRO B 153 10.46 14.52 -2.48
C PRO B 153 9.11 13.93 -2.08
N ALA B 154 9.04 12.72 -1.55
CA ALA B 154 7.72 12.18 -1.22
C ALA B 154 7.06 12.98 -0.11
N TYR B 155 7.81 13.63 0.78
CA TYR B 155 7.16 14.29 1.95
C TYR B 155 6.31 15.43 1.42
N VAL B 156 6.93 16.29 0.61
CA VAL B 156 6.24 17.41 -0.02
C VAL B 156 5.11 16.92 -0.96
N ASP B 157 5.42 15.98 -1.86
CA ASP B 157 4.40 15.54 -2.80
C ASP B 157 3.21 14.91 -2.10
N SER B 158 3.44 14.11 -1.05
CA SER B 158 2.30 13.52 -0.32
C SER B 158 1.45 14.60 0.34
N SER B 159 2.09 15.67 0.79
CA SER B 159 1.40 16.81 1.38
C SER B 159 0.48 17.53 0.36
N VAL B 160 1.02 17.77 -0.83
CA VAL B 160 0.26 18.37 -1.93
C VAL B 160 -0.96 17.51 -2.29
N ILE B 161 -0.73 16.20 -2.46
CA ILE B 161 -1.79 15.24 -2.78
C ILE B 161 -2.92 15.22 -1.76
N MSE B 162 -2.58 15.32 -0.47
CA MSE B 162 -3.57 15.31 0.59
C MSE B 162 -4.27 16.67 0.80
O MSE B 162 -5.20 16.74 1.56
CB MSE B 162 -2.97 14.80 1.92
CG MSE B 162 -2.83 13.31 1.96
SE MSE B 162 -4.50 12.33 1.59
CE MSE B 162 -5.68 13.06 2.95
N GLY B 163 -3.85 17.71 0.08
CA GLY B 163 -4.54 19.00 0.14
C GLY B 163 -4.07 19.89 1.28
N GLN B 164 -2.86 19.60 1.78
CA GLN B 164 -2.29 20.39 2.88
C GLN B 164 -1.61 21.68 2.42
N THR B 165 -1.64 21.98 1.12
CA THR B 165 -0.80 23.03 0.56
C THR B 165 -1.55 23.97 -0.38
N GLY B 166 -0.87 25.03 -0.79
CA GLY B 166 -1.30 25.86 -1.94
C GLY B 166 -0.67 25.38 -3.23
N GLN B 167 -0.76 26.20 -4.25
CA GLN B 167 -0.13 25.91 -5.55
C GLN B 167 1.40 26.06 -5.47
N PHE B 168 2.08 25.60 -6.49
CA PHE B 168 3.51 25.80 -6.65
C PHE B 168 3.85 27.22 -7.10
N ASN B 169 4.74 27.88 -6.35
CA ASN B 169 5.23 29.23 -6.63
C ASN B 169 6.54 29.18 -7.41
N THR B 170 6.52 29.60 -8.67
CA THR B 170 7.67 29.41 -9.54
C THR B 170 8.81 30.41 -9.25
N ASP B 171 8.49 31.55 -8.63
CA ASP B 171 9.51 32.49 -8.17
C ASP B 171 10.42 31.90 -7.07
N VAL B 172 9.84 31.18 -6.11
CA VAL B 172 10.63 30.58 -5.03
C VAL B 172 10.84 29.06 -5.17
N GLN B 173 10.15 28.45 -6.11
CA GLN B 173 10.17 27.00 -6.30
C GLN B 173 9.63 26.23 -5.07
N LYS B 174 8.54 26.74 -4.49
CA LYS B 174 7.94 26.15 -3.30
C LYS B 174 6.42 26.03 -3.45
N TYR B 175 5.84 25.01 -2.82
CA TYR B 175 4.39 24.97 -2.68
C TYR B 175 3.99 25.83 -1.50
N GLY B 176 2.86 26.53 -1.64
CA GLY B 176 2.35 27.37 -0.57
C GLY B 176 2.03 26.57 0.66
N ASN B 177 2.27 27.17 1.83
CA ASN B 177 1.81 26.62 3.12
C ASN B 177 2.70 25.53 3.70
N ILE B 178 3.83 25.26 3.05
CA ILE B 178 4.84 24.32 3.56
C ILE B 178 5.98 25.14 4.15
N GLU B 179 6.42 24.76 5.33
CA GLU B 179 7.57 25.38 5.99
C GLU B 179 8.83 24.65 5.55
N TYR B 180 9.57 25.28 4.65
CA TYR B 180 10.82 24.74 4.18
C TYR B 180 11.95 25.22 5.10
N MSE B 181 12.48 24.30 5.89
CA MSE B 181 13.57 24.61 6.84
C MSE B 181 14.94 24.58 6.15
O MSE B 181 15.44 23.53 5.81
CB MSE B 181 13.50 23.61 7.99
CG MSE B 181 12.14 23.52 8.61
SE MSE B 181 12.18 22.32 10.15
CE MSE B 181 12.36 20.55 9.32
N ARG B 182 15.57 25.73 5.96
CA ARG B 182 16.81 25.73 5.16
C ARG B 182 18.05 25.05 5.79
N CYS B 183 18.57 24.07 5.05
CA CYS B 183 19.72 23.29 5.47
C CYS B 183 20.85 23.52 4.47
N THR B 184 21.96 24.09 4.94
CA THR B 184 23.04 24.54 4.07
C THR B 184 24.45 24.08 4.56
N PRO B 185 25.46 24.08 3.65
CA PRO B 185 26.81 23.83 4.13
C PRO B 185 27.15 24.76 5.29
N GLU B 186 26.72 26.02 5.17
CA GLU B 186 27.01 27.07 6.15
C GLU B 186 26.44 26.82 7.55
N ASN B 187 25.29 26.15 7.63
CA ASN B 187 24.70 25.86 8.94
C ASN B 187 24.86 24.43 9.37
N GLY B 188 25.73 23.69 8.68
CA GLY B 188 25.99 22.29 9.01
C GLY B 188 24.83 21.38 8.62
N PHE B 189 24.01 21.86 7.67
CA PHE B 189 22.81 21.18 7.21
C PHE B 189 21.78 20.93 8.32
N PHE B 190 21.75 21.80 9.31
CA PHE B 190 20.73 21.78 10.35
C PHE B 190 20.11 23.16 10.44
N PRO B 191 18.77 23.25 10.45
CA PRO B 191 18.16 24.57 10.38
C PRO B 191 18.30 25.39 11.65
N ASP B 192 18.31 26.71 11.50
CA ASP B 192 18.22 27.60 12.64
C ASP B 192 16.78 27.56 13.13
N LEU B 193 16.50 26.82 14.21
CA LEU B 193 15.09 26.63 14.63
C LEU B 193 14.37 27.91 15.11
N SER B 194 15.13 28.97 15.39
CA SER B 194 14.53 30.24 15.80
C SER B 194 13.87 30.98 14.64
N THR B 195 14.15 30.55 13.42
CA THR B 195 13.56 31.14 12.21
C THR B 195 12.50 30.25 11.57
N VAL B 196 12.20 29.11 12.20
CA VAL B 196 11.27 28.14 11.65
C VAL B 196 9.91 28.39 12.28
N GLY B 197 8.92 28.63 11.42
CA GLY B 197 7.53 28.82 11.87
C GLY B 197 6.92 27.53 12.41
N ARG B 198 5.96 27.68 13.32
CA ARG B 198 5.17 26.53 13.85
C ARG B 198 4.33 25.84 12.78
N THR B 199 4.34 24.49 12.80
CA THR B 199 3.47 23.68 11.96
C THR B 199 2.97 22.54 12.84
N ASP B 200 2.04 21.74 12.32
CA ASP B 200 1.58 20.57 13.03
C ASP B 200 2.62 19.46 12.97
N ILE B 201 3.21 19.26 11.78
CA ILE B 201 4.04 18.08 11.51
C ILE B 201 5.40 18.57 11.06
N ILE B 202 6.46 17.92 11.54
CA ILE B 202 7.80 18.21 11.08
C ILE B 202 8.37 16.90 10.56
N PHE B 203 8.59 16.82 9.25
CA PHE B 203 9.24 15.65 8.66
C PHE B 203 10.73 15.88 8.78
N PHE B 204 11.42 14.97 9.47
CA PHE B 204 12.87 15.08 9.65
C PHE B 204 13.60 13.78 9.34
N CYS B 205 14.53 13.85 8.39
CA CYS B 205 15.31 12.72 7.92
C CYS B 205 16.74 12.80 8.48
N SER B 206 17.20 11.74 9.15
CA SER B 206 18.58 11.66 9.62
C SER B 206 19.07 10.21 9.54
N PRO B 207 20.16 9.93 8.82
CA PRO B 207 20.94 10.79 7.96
C PRO B 207 19.99 11.33 6.88
N ASN B 208 20.11 12.62 6.57
CA ASN B 208 19.27 13.26 5.56
C ASN B 208 19.57 12.74 4.15
N ASN B 209 18.50 12.51 3.39
CA ASN B 209 18.59 12.29 1.94
C ASN B 209 18.07 13.62 1.33
N PRO B 210 18.89 14.33 0.53
CA PRO B 210 20.15 14.02 -0.19
C PRO B 210 21.50 14.49 0.40
N THR B 211 21.50 15.26 1.47
CA THR B 211 22.76 15.88 1.93
C THR B 211 23.72 14.92 2.66
N GLY B 212 23.19 13.83 3.20
CA GLY B 212 23.95 12.86 4.00
C GLY B 212 24.13 13.28 5.46
N ALA B 213 23.68 14.48 5.81
CA ALA B 213 23.90 15.04 7.16
C ALA B 213 23.16 14.28 8.26
N ALA B 214 23.91 13.88 9.28
CA ALA B 214 23.31 13.23 10.44
C ALA B 214 23.27 14.19 11.63
N ALA B 215 22.07 14.43 12.14
CA ALA B 215 21.89 15.31 13.30
C ALA B 215 22.62 14.71 14.50
N THR B 216 23.30 15.58 15.23
CA THR B 216 23.94 15.19 16.49
C THR B 216 22.86 15.03 17.59
N ARG B 217 23.26 14.45 18.72
CA ARG B 217 22.37 14.34 19.88
C ARG B 217 21.88 15.72 20.36
N GLU B 218 22.77 16.72 20.35
CA GLU B 218 22.34 18.06 20.77
C GLU B 218 21.33 18.67 19.79
N GLN B 219 21.57 18.52 18.50
CA GLN B 219 20.65 19.03 17.48
C GLN B 219 19.28 18.35 17.59
N LEU B 220 19.27 17.02 17.72
CA LEU B 220 18.02 16.29 17.94
C LEU B 220 17.31 16.72 19.24
N THR B 221 18.10 17.00 20.29
CA THR B 221 17.49 17.49 21.54
C THR B 221 16.79 18.81 21.30
N GLN B 222 17.43 19.69 20.52
CA GLN B 222 16.83 20.97 20.17
C GLN B 222 15.56 20.72 19.36
N LEU B 223 15.58 19.70 18.49
CA LEU B 223 14.39 19.45 17.65
C LEU B 223 13.20 18.99 18.49
N VAL B 224 13.45 18.06 19.40
CA VAL B 224 12.42 17.60 20.37
C VAL B 224 11.87 18.75 21.23
N GLU B 225 12.76 19.59 21.74
CA GLU B 225 12.37 20.73 22.58
C GLU B 225 11.54 21.69 21.72
N PHE B 226 11.93 21.84 20.45
CA PHE B 226 11.17 22.70 19.51
C PHE B 226 9.75 22.16 19.30
N ALA B 227 9.62 20.87 18.95
CA ALA B 227 8.32 20.21 18.78
C ALA B 227 7.47 20.27 20.06
N LYS B 228 8.09 20.06 21.23
CA LYS B 228 7.33 20.08 22.45
C LYS B 228 6.71 21.45 22.75
N LYS B 229 7.46 22.52 22.55
CA LYS B 229 6.90 23.81 22.87
C LYS B 229 5.87 24.27 21.81
N ASN B 230 6.06 23.83 20.56
CA ASN B 230 5.11 24.10 19.49
C ASN B 230 3.93 23.13 19.39
N GLY B 231 3.97 22.04 20.15
CA GLY B 231 2.94 21.00 20.13
C GLY B 231 2.90 20.31 18.77
N SER B 232 4.08 20.04 18.21
CA SER B 232 4.20 19.43 16.87
C SER B 232 4.47 17.95 17.01
N ILE B 233 4.17 17.21 15.93
CA ILE B 233 4.55 15.81 15.76
C ILE B 233 5.73 15.74 14.81
N ILE B 234 6.83 15.14 15.26
CA ILE B 234 7.96 14.82 14.38
C ILE B 234 7.76 13.47 13.73
N VAL B 235 7.92 13.44 12.42
CA VAL B 235 7.96 12.18 11.68
C VAL B 235 9.43 11.98 11.31
N TYR B 236 10.10 11.10 12.06
CA TYR B 236 11.54 10.91 11.91
C TYR B 236 11.79 9.74 10.96
N ASP B 237 12.52 9.97 9.88
CA ASP B 237 12.84 8.96 8.86
C ASP B 237 14.28 8.52 9.08
N SER B 238 14.48 7.28 9.51
CA SER B 238 15.80 6.74 9.84
C SER B 238 16.22 5.67 8.83
N ALA B 239 15.73 5.79 7.60
CA ALA B 239 15.94 4.79 6.57
C ALA B 239 17.43 4.50 6.28
N TYR B 240 18.28 5.53 6.39
CA TYR B 240 19.74 5.36 6.25
C TYR B 240 20.57 5.24 7.55
N ALA B 241 19.93 5.05 8.69
CA ALA B 241 20.61 5.10 9.98
C ALA B 241 21.66 4.02 10.16
N MSE B 242 21.49 2.90 9.46
CA MSE B 242 22.49 1.85 9.60
C MSE B 242 23.82 2.20 8.91
O MSE B 242 24.80 1.50 9.08
CB MSE B 242 21.96 0.53 9.05
CG MSE B 242 20.73 0.02 9.80
SE MSE B 242 21.19 -0.37 11.64
CE MSE B 242 20.59 1.21 12.65
N TYR B 243 23.83 3.29 8.13
CA TYR B 243 25.05 3.77 7.48
C TYR B 243 25.84 4.75 8.33
N MSE B 244 25.33 5.07 9.53
CA MSE B 244 25.98 5.99 10.45
C MSE B 244 27.43 5.58 10.75
O MSE B 244 27.67 4.43 11.11
CB MSE B 244 25.20 5.96 11.78
CG MSE B 244 25.57 7.07 12.74
SE MSE B 244 24.87 8.77 12.03
CE MSE B 244 22.94 8.47 12.37
N SER B 245 28.37 6.51 10.59
CA SER B 245 29.75 6.34 11.05
C SER B 245 30.04 7.19 12.29
N ASP B 246 29.61 8.45 12.29
CA ASP B 246 29.76 9.31 13.45
C ASP B 246 28.97 8.73 14.61
N ASP B 247 29.30 9.16 15.82
CA ASP B 247 28.60 8.66 16.99
C ASP B 247 27.45 9.64 17.31
N ASN B 248 26.34 9.45 16.58
CA ASN B 248 25.13 10.24 16.65
C ASN B 248 23.97 9.26 16.85
N PRO B 249 22.86 9.72 17.45
CA PRO B 249 21.72 8.81 17.63
C PRO B 249 21.21 8.26 16.29
N ARG B 250 20.81 7.00 16.32
CA ARG B 250 20.17 6.36 15.17
C ARG B 250 18.65 6.40 15.24
N SER B 251 18.10 6.63 16.44
CA SER B 251 16.65 6.74 16.59
C SER B 251 16.32 7.97 17.38
N ILE B 252 15.26 8.64 16.94
CA ILE B 252 14.73 9.78 17.64
C ILE B 252 14.39 9.43 19.11
N PHE B 253 14.04 8.18 19.38
CA PHE B 253 13.68 7.77 20.74
C PHE B 253 14.85 7.74 21.75
N GLU B 254 16.05 7.92 21.25
CA GLU B 254 17.25 8.10 22.10
C GLU B 254 17.23 9.45 22.84
N ILE B 255 16.36 10.36 22.39
CA ILE B 255 16.19 11.67 23.03
C ILE B 255 15.05 11.61 24.05
N PRO B 256 15.35 11.78 25.35
CA PRO B 256 14.26 11.76 26.33
C PRO B 256 13.19 12.78 25.96
N GLY B 257 11.94 12.36 26.04
CA GLY B 257 10.81 13.24 25.68
C GLY B 257 10.31 13.08 24.26
N ALA B 258 11.06 12.36 23.41
CA ALA B 258 10.65 12.08 22.01
C ALA B 258 9.35 11.30 21.96
N GLU B 259 9.09 10.50 23.00
CA GLU B 259 7.89 9.69 23.07
C GLU B 259 6.60 10.51 23.15
N GLU B 260 6.68 11.80 23.50
CA GLU B 260 5.50 12.69 23.59
C GLU B 260 5.23 13.45 22.30
N VAL B 261 6.20 13.43 21.39
CA VAL B 261 6.18 14.25 20.18
C VAL B 261 6.63 13.58 18.88
N ALA B 262 7.05 12.34 18.89
CA ALA B 262 7.67 11.80 17.68
C ALA B 262 7.25 10.40 17.34
N MSE B 263 7.22 10.13 16.04
CA MSE B 263 7.13 8.76 15.53
C MSE B 263 8.32 8.53 14.61
O MSE B 263 8.97 9.48 14.19
CB MSE B 263 5.81 8.58 14.78
CG MSE B 263 5.67 9.49 13.59
SE MSE B 263 4.01 9.01 12.66
CE MSE B 263 2.73 9.55 13.98
N GLU B 264 8.62 7.27 14.31
CA GLU B 264 9.76 6.97 13.43
C GLU B 264 9.36 6.02 12.31
N THR B 265 9.92 6.24 11.11
CA THR B 265 9.72 5.34 9.97
C THR B 265 11.05 4.92 9.40
N ALA B 266 11.12 3.67 8.95
CA ALA B 266 12.33 3.07 8.40
C ALA B 266 11.96 1.90 7.50
N SER B 267 12.98 1.23 6.97
CA SER B 267 12.76 0.22 5.92
C SER B 267 13.94 -0.73 5.84
N PHE B 268 13.73 -1.97 5.37
CA PHE B 268 14.84 -2.89 5.03
C PHE B 268 15.47 -2.65 3.65
N SER B 269 14.86 -1.81 2.84
CA SER B 269 15.33 -1.68 1.47
C SER B 269 16.85 -1.50 1.35
N LYS B 270 17.40 -0.59 2.15
CA LYS B 270 18.78 -0.14 1.91
C LYS B 270 19.83 -0.93 2.69
N TYR B 271 19.37 -1.79 3.61
CA TYR B 271 20.23 -2.59 4.47
C TYR B 271 20.37 -4.02 3.98
N ALA B 272 19.33 -4.51 3.31
CA ALA B 272 19.26 -5.90 2.84
C ALA B 272 19.08 -6.05 1.33
N GLY B 273 19.14 -4.95 0.59
CA GLY B 273 18.83 -4.94 -0.84
C GLY B 273 17.36 -5.24 -1.12
N PHE B 274 16.47 -4.85 -0.20
CA PHE B 274 15.04 -5.24 -0.26
C PHE B 274 14.21 -4.32 -1.15
N THR B 275 14.89 -3.56 -2.01
CA THR B 275 14.20 -2.47 -2.74
C THR B 275 13.01 -3.05 -3.53
N GLY B 276 13.17 -4.31 -3.92
CA GLY B 276 12.16 -5.00 -4.73
C GLY B 276 11.34 -5.98 -3.92
N VAL B 277 11.84 -6.33 -2.74
CA VAL B 277 11.16 -7.31 -1.86
C VAL B 277 9.97 -6.72 -1.02
N ARG B 278 10.13 -5.51 -0.46
CA ARG B 278 9.06 -4.62 0.09
C ARG B 278 8.76 -4.81 1.58
N LEU B 279 9.54 -4.15 2.46
CA LEU B 279 9.25 -4.29 3.89
C LEU B 279 9.86 -3.11 4.64
N GLY B 280 9.02 -2.40 5.39
CA GLY B 280 9.48 -1.35 6.29
C GLY B 280 8.66 -1.39 7.57
N TRP B 281 8.80 -0.36 8.40
CA TRP B 281 7.96 -0.24 9.60
C TRP B 281 7.76 1.20 10.08
N THR B 282 6.74 1.43 10.89
CA THR B 282 6.57 2.72 11.58
C THR B 282 6.42 2.45 13.06
N VAL B 283 7.07 3.29 13.88
CA VAL B 283 6.97 3.15 15.33
C VAL B 283 6.24 4.36 15.88
N ILE B 284 5.15 4.10 16.57
CA ILE B 284 4.37 5.17 17.15
C ILE B 284 4.21 4.86 18.64
N PRO B 285 4.77 5.75 19.48
CA PRO B 285 4.80 5.52 20.91
C PRO B 285 3.46 5.76 21.62
N LYS B 286 3.28 5.09 22.75
CA LYS B 286 2.03 5.19 23.48
C LYS B 286 1.72 6.60 23.95
N LYS B 287 2.75 7.39 24.23
CA LYS B 287 2.55 8.74 24.80
C LYS B 287 2.35 9.86 23.76
N LEU B 288 2.31 9.50 22.47
CA LEU B 288 2.01 10.48 21.40
C LEU B 288 0.51 10.66 21.26
N LEU B 289 0.04 11.88 21.57
CA LEU B 289 -1.40 12.13 21.63
C LEU B 289 -1.78 13.36 20.81
N TYR B 290 -2.96 13.30 20.19
CA TYR B 290 -3.57 14.47 19.59
C TYR B 290 -4.02 15.42 20.70
N SER B 291 -4.40 16.63 20.31
CA SER B 291 -4.74 17.71 21.25
C SER B 291 -5.95 17.39 22.16
N ASP B 292 -6.76 16.42 21.74
CA ASP B 292 -7.91 15.99 22.51
C ASP B 292 -7.60 14.78 23.38
N GLY B 293 -6.34 14.38 23.44
CA GLY B 293 -5.94 13.23 24.23
C GLY B 293 -5.96 11.90 23.51
N PHE B 294 -6.45 11.89 22.26
CA PHE B 294 -6.64 10.62 21.54
C PHE B 294 -5.28 10.13 21.09
N PRO B 295 -4.91 8.84 21.38
CA PRO B 295 -3.59 8.42 20.88
C PRO B 295 -3.50 8.23 19.37
N VAL B 296 -2.44 8.78 18.81
CA VAL B 296 -2.18 8.77 17.38
C VAL B 296 -2.12 7.32 16.85
N ALA B 297 -1.47 6.41 17.60
CA ALA B 297 -1.26 5.04 17.16
C ALA B 297 -2.57 4.33 16.93
N LYS B 298 -3.60 4.75 17.65
CA LYS B 298 -4.94 4.18 17.51
C LYS B 298 -5.58 4.51 16.18
N ASP B 299 -5.44 5.76 15.74
CA ASP B 299 -5.85 6.17 14.40
C ASP B 299 -4.99 5.49 13.31
N PHE B 300 -3.68 5.37 13.55
CA PHE B 300 -2.82 4.63 12.59
C PHE B 300 -3.30 3.19 12.42
N ASN B 301 -3.57 2.51 13.54
CA ASN B 301 -4.05 1.16 13.48
C ASN B 301 -5.37 1.05 12.64
N ARG B 302 -6.26 2.03 12.82
CA ARG B 302 -7.53 2.06 12.05
C ARG B 302 -7.29 2.23 10.55
N ILE B 303 -6.35 3.11 10.18
CA ILE B 303 -5.94 3.28 8.77
C ILE B 303 -5.41 1.99 8.15
N ILE B 304 -4.56 1.33 8.92
CA ILE B 304 -3.85 0.15 8.50
C ILE B 304 -4.85 -1.01 8.27
N CYS B 305 -5.89 -1.07 9.10
CA CYS B 305 -6.89 -2.13 8.98
C CYS B 305 -7.87 -1.87 7.83
N THR B 306 -7.99 -0.62 7.43
CA THR B 306 -8.97 -0.27 6.42
C THR B 306 -8.35 -0.14 5.02
N CYS B 307 -7.13 0.40 4.98
CA CYS B 307 -6.46 0.81 3.74
C CYS B 307 -5.30 -0.10 3.30
N PHE B 308 -5.04 -1.17 4.05
CA PHE B 308 -3.84 -2.04 3.87
C PHE B 308 -4.20 -3.45 4.25
N ASN B 309 -3.48 -4.44 3.69
CA ASN B 309 -3.70 -5.87 4.04
C ASN B 309 -2.46 -6.59 4.59
N GLY B 310 -1.42 -5.83 4.93
CA GLY B 310 -0.21 -6.40 5.57
C GLY B 310 0.94 -6.53 4.57
N ALA B 311 2.17 -6.54 5.07
CA ALA B 311 3.35 -6.85 4.25
C ALA B 311 3.26 -8.30 3.76
N SER B 312 3.88 -8.61 2.63
CA SER B 312 3.86 -10.01 2.14
C SER B 312 4.40 -10.97 3.20
N ASN B 313 3.77 -12.14 3.37
CA ASN B 313 4.25 -13.14 4.34
C ASN B 313 5.69 -13.62 4.10
N ILE B 314 6.03 -13.77 2.81
CA ILE B 314 7.40 -14.08 2.38
C ILE B 314 8.39 -12.96 2.74
N SER B 315 8.02 -11.71 2.51
CA SER B 315 8.88 -10.58 2.91
C SER B 315 9.07 -10.53 4.41
N GLN B 316 8.04 -10.86 5.18
CA GLN B 316 8.16 -10.84 6.65
C GLN B 316 9.13 -11.94 7.13
N ALA B 317 9.05 -13.09 6.47
CA ALA B 317 9.97 -14.22 6.73
C ALA B 317 11.42 -13.80 6.43
N GLY B 318 11.62 -13.03 5.38
CA GLY B 318 12.95 -12.53 5.02
C GLY B 318 13.46 -11.56 6.08
N ALA B 319 12.59 -10.61 6.47
CA ALA B 319 12.90 -9.66 7.52
C ALA B 319 13.21 -10.33 8.86
N LEU B 320 12.39 -11.30 9.26
CA LEU B 320 12.67 -12.05 10.48
C LEU B 320 14.04 -12.69 10.46
N ALA B 321 14.43 -13.25 9.31
CA ALA B 321 15.81 -13.82 9.16
C ALA B 321 16.94 -12.79 9.18
N CYS B 322 16.67 -11.55 8.77
CA CYS B 322 17.66 -10.48 8.88
C CYS B 322 18.06 -10.17 10.33
N LEU B 323 17.10 -10.29 11.25
CA LEU B 323 17.29 -9.91 12.66
C LEU B 323 17.70 -11.12 13.52
N THR B 324 18.84 -11.68 13.11
CA THR B 324 19.47 -12.85 13.72
C THR B 324 20.92 -12.50 13.67
N PRO B 325 21.78 -13.19 14.44
CA PRO B 325 23.20 -12.92 14.25
C PRO B 325 23.68 -13.04 12.76
N GLU B 326 23.27 -14.09 12.06
CA GLU B 326 23.73 -14.31 10.66
C GLU B 326 23.23 -13.20 9.75
N GLY B 327 21.99 -12.80 9.96
CA GLY B 327 21.38 -11.74 9.13
C GLY B 327 22.04 -10.40 9.36
N LEU B 328 22.31 -10.10 10.63
CA LEU B 328 22.90 -8.82 10.97
C LEU B 328 24.34 -8.76 10.46
N GLU B 329 25.03 -9.89 10.50
CA GLU B 329 26.37 -9.98 9.93
C GLU B 329 26.36 -9.71 8.42
N ALA B 330 25.42 -10.34 7.72
CA ALA B 330 25.29 -10.18 6.26
C ALA B 330 25.01 -8.73 5.89
N MSE B 331 24.09 -8.11 6.62
CA MSE B 331 23.76 -6.72 6.39
C MSE B 331 24.90 -5.76 6.67
O MSE B 331 25.14 -4.85 5.89
CB MSE B 331 22.52 -6.37 7.16
CG MSE B 331 21.33 -7.13 6.61
SE MSE B 331 19.68 -6.44 7.34
CE MSE B 331 20.17 -6.28 9.23
N HIS B 332 25.66 -6.03 7.74
CA HIS B 332 26.84 -5.25 8.05
C HIS B 332 27.85 -5.29 6.90
N LYS B 333 28.05 -6.48 6.35
CA LYS B 333 28.93 -6.68 5.18
C LYS B 333 28.48 -5.89 3.95
N VAL B 334 27.19 -5.95 3.62
CA VAL B 334 26.68 -5.24 2.46
C VAL B 334 26.80 -3.73 2.65
N ILE B 335 26.39 -3.25 3.82
CA ILE B 335 26.54 -1.84 4.18
C ILE B 335 28.00 -1.40 4.06
N GLY B 336 28.93 -2.21 4.57
CA GLY B 336 30.37 -1.87 4.47
C GLY B 336 30.87 -1.75 3.04
N PHE B 337 30.36 -2.63 2.17
CA PHE B 337 30.63 -2.55 0.73
C PHE B 337 30.21 -1.22 0.11
N TYR B 338 28.96 -0.83 0.33
CA TYR B 338 28.42 0.41 -0.21
C TYR B 338 29.10 1.64 0.41
N LYS B 339 29.51 1.56 1.67
CA LYS B 339 30.31 2.63 2.28
C LYS B 339 31.71 2.78 1.63
N GLU B 340 32.32 1.67 1.23
CA GLU B 340 33.59 1.74 0.48
C GLU B 340 33.35 2.38 -0.88
N ASN B 341 32.27 1.98 -1.57
CA ASN B 341 31.86 2.68 -2.82
C ASN B 341 31.79 4.17 -2.63
N THR B 342 31.15 4.60 -1.54
CA THR B 342 30.93 6.02 -1.26
C THR B 342 32.27 6.74 -1.13
N ASN B 343 33.22 6.12 -0.43
CA ASN B 343 34.56 6.71 -0.26
C ASN B 343 35.26 6.94 -1.58
N ILE B 344 35.20 5.93 -2.47
CA ILE B 344 35.69 6.07 -3.86
C ILE B 344 35.08 7.30 -4.52
N ILE B 345 33.76 7.48 -4.37
CA ILE B 345 33.08 8.61 -5.02
C ILE B 345 33.54 9.94 -4.41
N ILE B 346 33.66 9.98 -3.09
CA ILE B 346 34.14 11.18 -2.41
C ILE B 346 35.56 11.55 -2.89
N ASP B 347 36.46 10.56 -2.87
CA ASP B 347 37.88 10.81 -3.26
C ASP B 347 37.96 11.35 -4.69
N THR B 348 37.12 10.82 -5.60
CA THR B 348 37.03 11.26 -6.99
C THR B 348 36.64 12.73 -7.10
N PHE B 349 35.51 13.10 -6.53
CA PHE B 349 35.06 14.49 -6.62
C PHE B 349 35.95 15.46 -5.82
N THR B 350 36.51 15.02 -4.69
CA THR B 350 37.47 15.88 -3.97
C THR B 350 38.75 16.11 -4.81
N SER B 351 39.24 15.06 -5.47
CA SER B 351 40.45 15.20 -6.32
C SER B 351 40.26 16.17 -7.47
N LEU B 352 39.02 16.34 -7.90
CA LEU B 352 38.68 17.21 -9.01
C LEU B 352 38.41 18.64 -8.54
N GLY B 353 38.55 18.87 -7.23
CA GLY B 353 38.35 20.20 -6.61
C GLY B 353 36.93 20.65 -6.31
N TYR B 354 35.98 19.69 -6.26
CA TYR B 354 34.58 20.01 -5.91
C TYR B 354 34.42 20.01 -4.40
N ASP B 355 33.55 20.88 -3.91
CA ASP B 355 33.04 20.77 -2.54
C ASP B 355 32.04 19.63 -2.49
N VAL B 356 32.36 18.61 -1.71
CA VAL B 356 31.54 17.42 -1.60
C VAL B 356 31.07 17.26 -0.16
N TYR B 357 29.77 17.09 0.01
CA TYR B 357 29.14 16.91 1.32
C TYR B 357 28.51 15.53 1.46
N GLY B 358 28.25 15.09 2.69
CA GLY B 358 27.69 13.78 2.88
C GLY B 358 28.71 12.69 2.72
N GLY B 359 28.23 11.46 2.51
CA GLY B 359 29.10 10.32 2.24
C GLY B 359 29.78 9.71 3.44
N LYS B 360 29.67 10.36 4.58
CA LYS B 360 30.28 9.89 5.82
C LYS B 360 29.28 8.96 6.49
N ASN B 361 28.05 9.44 6.57
CA ASN B 361 26.97 8.73 7.24
C ASN B 361 25.84 8.23 6.34
N ALA B 362 26.11 8.15 5.03
CA ALA B 362 25.07 7.74 4.05
C ALA B 362 25.72 7.26 2.76
N PRO B 363 25.05 6.36 1.99
CA PRO B 363 25.60 5.82 0.74
C PRO B 363 25.34 6.70 -0.49
N TYR B 364 25.54 7.99 -0.35
CA TYR B 364 25.44 8.94 -1.47
C TYR B 364 26.24 10.20 -1.11
N VAL B 365 26.60 10.97 -2.12
CA VAL B 365 27.41 12.17 -1.92
C VAL B 365 26.66 13.32 -2.56
N TRP B 366 26.80 14.51 -1.97
CA TRP B 366 26.09 15.72 -2.34
C TRP B 366 27.17 16.70 -2.80
N VAL B 367 27.26 16.83 -4.13
CA VAL B 367 28.32 17.57 -4.82
C VAL B 367 27.80 18.96 -5.24
N HIS B 368 28.54 20.00 -4.87
CA HIS B 368 28.19 21.37 -5.22
C HIS B 368 28.74 21.73 -6.61
N PHE B 369 27.86 22.14 -7.51
CA PHE B 369 28.21 22.68 -8.83
C PHE B 369 27.80 24.16 -8.88
N PRO B 370 28.70 25.07 -8.46
CA PRO B 370 28.40 26.49 -8.22
C PRO B 370 27.93 27.24 -9.45
N ASN B 371 26.96 28.15 -9.23
CA ASN B 371 26.47 29.07 -10.28
C ASN B 371 25.88 28.31 -11.50
N GLN B 372 25.48 27.06 -11.30
CA GLN B 372 24.95 26.24 -12.40
C GLN B 372 23.69 25.47 -12.00
N SER B 373 22.79 25.27 -12.97
CA SER B 373 21.52 24.58 -12.77
C SER B 373 21.76 23.08 -12.61
N SER B 374 21.17 22.47 -11.60
CA SER B 374 21.43 21.05 -11.37
C SER B 374 20.85 20.18 -12.47
N TRP B 375 19.70 20.53 -13.02
CA TRP B 375 19.15 19.85 -14.20
C TRP B 375 20.08 19.97 -15.41
N ASP B 376 20.74 21.12 -15.60
CA ASP B 376 21.75 21.23 -16.67
C ASP B 376 22.94 20.36 -16.40
N VAL B 377 23.45 20.37 -15.16
CA VAL B 377 24.54 19.47 -14.82
C VAL B 377 24.12 18.01 -15.02
N PHE B 378 22.95 17.63 -14.51
CA PHE B 378 22.47 16.26 -14.72
C PHE B 378 22.54 15.89 -16.23
N ALA B 379 22.05 16.79 -17.08
CA ALA B 379 21.99 16.53 -18.53
C ALA B 379 23.37 16.40 -19.20
N GLU B 380 24.32 17.26 -18.82
CA GLU B 380 25.70 17.18 -19.32
C GLU B 380 26.34 15.87 -18.94
N ILE B 381 26.28 15.51 -17.65
CA ILE B 381 26.87 14.25 -17.20
C ILE B 381 26.28 13.08 -17.95
N LEU B 382 24.95 13.06 -18.09
CA LEU B 382 24.32 11.95 -18.77
C LEU B 382 24.77 11.90 -20.24
N GLU B 383 24.69 13.04 -20.91
CA GLU B 383 25.06 13.11 -22.33
C GLU B 383 26.52 12.71 -22.56
N LYS B 384 27.45 13.24 -21.76
CA LYS B 384 28.86 13.03 -22.01
C LYS B 384 29.48 11.76 -21.43
N THR B 385 28.96 11.28 -20.30
CA THR B 385 29.59 10.16 -19.59
C THR B 385 28.66 8.95 -19.53
N HIS B 386 27.38 9.19 -19.86
CA HIS B 386 26.39 8.12 -19.81
C HIS B 386 26.27 7.62 -18.39
N VAL B 387 26.41 8.53 -17.43
CA VAL B 387 26.08 8.23 -16.01
C VAL B 387 24.86 9.04 -15.59
N VAL B 388 23.90 8.37 -14.96
CA VAL B 388 22.74 9.07 -14.38
C VAL B 388 22.97 9.39 -12.89
N THR B 389 22.73 10.66 -12.57
CA THR B 389 22.82 11.19 -11.23
C THR B 389 21.44 11.74 -10.88
N THR B 390 21.33 12.44 -9.76
CA THR B 390 20.06 13.06 -9.42
C THR B 390 20.30 14.54 -9.18
N PRO B 391 19.57 15.39 -9.93
CA PRO B 391 19.74 16.83 -9.76
C PRO B 391 19.15 17.27 -8.44
N GLY B 392 19.89 18.13 -7.72
CA GLY B 392 19.54 18.53 -6.35
C GLY B 392 18.24 19.27 -6.27
N SER B 393 17.90 20.03 -7.30
CA SER B 393 16.60 20.74 -7.34
C SER B 393 15.41 19.79 -7.26
N GLY B 394 15.65 18.51 -7.58
CA GLY B 394 14.66 17.46 -7.37
C GLY B 394 14.23 17.27 -5.93
N PHE B 395 15.09 17.72 -5.02
CA PHE B 395 14.84 17.60 -3.58
C PHE B 395 14.38 18.93 -2.95
N GLY B 396 14.00 19.88 -3.79
CA GLY B 396 13.48 21.14 -3.30
C GLY B 396 14.41 22.29 -3.64
N PRO B 397 13.97 23.54 -3.40
CA PRO B 397 14.69 24.76 -3.80
C PRO B 397 16.13 24.83 -3.23
N GLY B 398 16.33 24.33 -2.02
CA GLY B 398 17.70 24.23 -1.52
C GLY B 398 18.85 23.24 -1.86
N GLY B 399 18.77 22.14 -2.61
CA GLY B 399 18.26 21.96 -3.90
C GLY B 399 19.29 22.32 -4.96
N GLU B 400 19.08 23.49 -5.49
CA GLU B 400 19.81 24.01 -6.61
C GLU B 400 21.21 24.45 -6.16
N GLY B 401 22.22 24.44 -7.01
CA GLY B 401 22.52 23.45 -7.96
C GLY B 401 23.54 22.62 -7.18
N PHE B 402 23.04 21.53 -6.64
CA PHE B 402 23.90 20.49 -6.10
C PHE B 402 23.48 19.32 -6.96
N VAL B 403 24.32 18.30 -7.06
CA VAL B 403 23.85 17.00 -7.55
C VAL B 403 24.14 15.86 -6.58
N ARG B 404 23.17 14.95 -6.46
CA ARG B 404 23.36 13.75 -5.63
C ARG B 404 23.87 12.60 -6.50
N VAL B 405 24.92 11.95 -6.01
CA VAL B 405 25.47 10.77 -6.67
C VAL B 405 25.33 9.58 -5.72
N SER B 406 24.59 8.56 -6.15
CA SER B 406 24.38 7.35 -5.35
C SER B 406 25.61 6.47 -5.36
N ALA B 407 25.85 5.74 -4.26
CA ALA B 407 26.99 4.81 -4.17
C ALA B 407 26.63 3.36 -4.42
N PHE B 408 25.36 3.10 -4.66
CA PHE B 408 24.93 1.77 -4.96
C PHE B 408 25.32 1.35 -6.38
N GLY B 409 26.08 0.27 -6.47
CA GLY B 409 26.50 -0.26 -7.77
C GLY B 409 27.57 -1.32 -7.54
N HIS B 410 27.71 -2.24 -8.49
CA HIS B 410 28.86 -3.13 -8.53
C HIS B 410 30.13 -2.29 -8.44
N ARG B 411 31.17 -2.84 -7.84
CA ARG B 411 32.43 -2.13 -7.67
C ARG B 411 32.97 -1.62 -9.02
N GLU B 412 32.96 -2.47 -10.03
CA GLU B 412 33.51 -2.10 -11.34
C GLU B 412 32.76 -0.92 -11.96
N ASN B 413 31.45 -0.87 -11.74
CA ASN B 413 30.64 0.19 -12.29
C ASN B 413 30.89 1.50 -11.56
N ILE B 414 31.15 1.42 -10.26
CA ILE B 414 31.49 2.63 -9.49
C ILE B 414 32.84 3.14 -9.96
N LEU B 415 33.81 2.24 -10.08
CA LEU B 415 35.14 2.64 -10.56
C LEU B 415 35.07 3.24 -11.96
N GLU B 416 34.37 2.56 -12.86
CA GLU B 416 34.20 3.05 -14.24
C GLU B 416 33.51 4.41 -14.26
N ALA B 417 32.44 4.56 -13.50
CA ALA B 417 31.74 5.85 -13.42
C ALA B 417 32.70 6.91 -12.94
N CYS B 418 33.51 6.60 -11.94
CA CYS B 418 34.43 7.60 -11.41
C CYS B 418 35.53 7.95 -12.41
N ARG B 419 36.01 6.96 -13.14
CA ARG B 419 37.01 7.29 -14.16
C ARG B 419 36.43 8.13 -15.28
N ARG B 420 35.15 7.91 -15.61
CA ARG B 420 34.43 8.79 -16.56
C ARG B 420 34.32 10.23 -16.06
N PHE B 421 33.95 10.39 -14.78
CA PHE B 421 33.89 11.75 -14.19
C PHE B 421 35.26 12.41 -14.23
N LYS B 422 36.31 11.65 -13.93
CA LYS B 422 37.67 12.23 -13.90
C LYS B 422 38.04 12.73 -15.31
N GLN B 423 37.82 11.87 -16.31
CA GLN B 423 38.10 12.18 -17.71
C GLN B 423 37.38 13.46 -18.13
N LEU B 424 36.09 13.56 -17.81
CA LEU B 424 35.30 14.75 -18.13
C LEU B 424 35.82 16.01 -17.47
N TYR B 425 36.13 15.97 -16.17
CA TYR B 425 36.33 17.21 -15.39
C TYR B 425 37.78 17.67 -15.11
N LYS B 426 38.80 16.98 -15.59
CA LYS B 426 40.16 17.15 -14.99
C LYS B 426 41.34 18.14 -15.30
N HIS B 427 41.61 18.66 -16.50
CA HIS B 427 40.78 19.43 -17.45
C HIS B 427 39.46 19.98 -16.91
S SO4 C . -13.92 -10.93 2.75
O1 SO4 C . -12.53 -10.40 2.68
O2 SO4 C . -14.09 -11.98 1.73
O3 SO4 C . -14.93 -9.89 2.50
O4 SO4 C . -14.12 -11.50 4.10
N1 PLP D . -12.69 -6.61 -2.71
C2 PLP D . -13.57 -7.52 -2.16
C2A PLP D . -15.01 -7.62 -2.58
C3 PLP D . -13.11 -8.38 -1.19
O3 PLP D . -13.92 -9.22 -0.70
C4 PLP D . -11.78 -8.32 -0.76
C4A PLP D . -11.35 -9.31 0.30
C5 PLP D . -10.89 -7.39 -1.33
C6 PLP D . -11.40 -6.53 -2.32
C5A PLP D . -9.42 -7.29 -0.90
O4P PLP D . -8.46 -7.97 -1.77
P PLP D . -6.87 -8.15 -1.45
O1P PLP D . -6.43 -6.90 -0.76
O2P PLP D . -6.92 -9.40 -0.63
O3P PLP D . -6.18 -8.34 -2.77
C1 GOL E . 10.30 -11.61 -12.35
O1 GOL E . 9.54 -12.81 -12.61
C2 GOL E . 9.53 -10.67 -11.43
O2 GOL E . 8.20 -10.69 -11.93
C3 GOL E . 10.07 -9.24 -11.51
O3 GOL E . 11.13 -9.04 -10.56
C1 GOL F . -26.08 -32.27 3.96
O1 GOL F . -27.10 -31.47 3.33
C2 GOL F . -24.76 -31.52 4.22
O2 GOL F . -23.73 -32.13 3.48
C3 GOL F . -24.37 -31.52 5.71
O3 GOL F . -23.37 -32.48 6.11
S SO4 G . 16.41 7.37 -2.92
O1 SO4 G . 16.08 8.81 -2.59
O2 SO4 G . 17.15 7.37 -4.19
O3 SO4 G . 15.22 6.50 -3.17
O4 SO4 G . 17.25 6.77 -1.88
N1 PLP H . 12.88 7.49 2.72
C2 PLP H . 14.00 7.64 1.95
C2A PLP H . 15.05 8.68 2.28
C3 PLP H . 14.18 6.84 0.84
O3 PLP H . 15.22 6.99 0.14
C4 PLP H . 13.21 5.89 0.49
C4A PLP H . 13.39 5.00 -0.72
C5 PLP H . 12.09 5.74 1.29
C6 PLP H . 11.94 6.57 2.41
C5A PLP H . 11.05 4.68 0.91
O4P PLP H . 11.36 3.37 1.44
P PLP H . 10.92 1.95 0.78
O1P PLP H . 12.07 1.57 -0.10
O2P PLP H . 10.76 1.02 1.96
O3P PLP H . 9.62 2.27 0.07
C1 GOL I . 7.14 -14.76 9.48
O1 GOL I . 8.02 -15.91 9.54
C2 GOL I . 6.09 -15.10 8.44
O2 GOL I . 5.79 -16.50 8.62
C3 GOL I . 4.82 -14.28 8.60
O3 GOL I . 3.67 -15.07 8.22
C1 GOL J . 44.60 11.42 -19.31
O1 GOL J . 45.21 11.57 -18.02
C2 GOL J . 44.22 12.80 -19.82
O2 GOL J . 45.34 13.68 -19.64
C3 GOL J . 43.80 12.72 -21.29
O3 GOL J . 44.93 12.48 -22.13
#